data_4WJK
#
_entry.id   4WJK
#
_cell.length_a   52.130
_cell.length_b   116.750
_cell.length_c   159.490
_cell.angle_alpha   90.000
_cell.angle_beta   90.000
_cell.angle_gamma   90.000
#
_symmetry.space_group_name_H-M   'P 21 21 21'
#
loop_
_entity.id
_entity.type
_entity.pdbx_description
1 polymer 'Integrin alpha-5'
2 polymer 'Integrin beta-1'
3 branched alpha-D-mannopyranose-(1-3)-alpha-D-mannopyranose-(1-6)-[alpha-D-mannopyranose-(1-3)]beta-D-mannopyranose-(1-4)-2-acetamido-2-deoxy-beta-D-glucopyranose-(1-4)-2-acetamido-2-deoxy-beta-D-glucopyranose
4 branched beta-D-mannopyranose-(1-4)-2-acetamido-2-deoxy-beta-D-glucopyranose-(1-4)-2-acetamido-2-deoxy-beta-D-glucopyranose
5 branched alpha-D-mannopyranose-(1-3)-[alpha-D-mannopyranose-(1-6)]alpha-D-mannopyranose-(1-6)-[alpha-D-mannopyranose-(1-3)]beta-D-mannopyranose-(1-4)-2-acetamido-2-deoxy-beta-D-glucopyranose-(1-4)-2-acetamido-2-deoxy-beta-D-glucopyranose
6 branched 2-acetamido-2-deoxy-beta-D-glucopyranose-(1-4)-2-acetamido-2-deoxy-beta-D-glucopyranose
7 branched alpha-D-mannopyranose-(1-3)-beta-D-mannopyranose-(1-4)-2-acetamido-2-deoxy-beta-D-glucopyranose-(1-4)-2-acetamido-2-deoxy-beta-D-glucopyranose
8 non-polymer 'CALCIUM ION'
9 non-polymer 'MAGNESIUM ION'
10 non-polymer 2-acetamido-2-deoxy-beta-D-glucopyranose
11 water water
#
loop_
_entity_poly.entity_id
_entity_poly.type
_entity_poly.pdbx_seq_one_letter_code
_entity_poly.pdbx_strand_id
1 'polypeptide(L)'
;FNLDAEAPAVLSGPPGSFFGFSVEFYRPGTDGVSVLVGAPKANTSQPGVLQGGAVYLCPWGASPTQCTPIEFDSKGSRLL
ESSLSSSEGEEPVEYKSLQWFGATVRAHGSSILACAPLYSWRTEKEPLSDPVGTCYLSTDNFTRILEYAPCRSDFSWAAG
QGYCQGGFSAEFTKTGRVVLGGPGSYFWQGQILSATQEQIAESYYPEYLINLVQGQLQTRQASSIYDDSYLGYSVAVGEF
SGDDTEDFVAGVPKGNLTYGYVTILNGSDIRSLYNFSGEQMASYFGYAVAATDVNGDGLDDLLVGAPLLMDRTPDGRPQE
VGRVYVYLQHPAGIEPTPTLTLTGHDEFGRFGSSLTPLGDLDQDGYNDVAIGAPFGGETQQGVVFVFPGGPGGLGSKPSQ
VLQPLWAASHTPDFFGSALRGGRDLDGNGYPDLIVGSFGVDKAVVYRGRPVV
;
A
2 'polypeptide(L)'
;QTDENRCLKANAKSCGECIQAGPNCGWCTNSTFLQEGMPTSARCDDLEALKKKGCPPDDIENPRGSKDIKKNKNVTNRSK
GTAEKLKPEDITQIQPQQLVLRLRSGEPQTFTLKFKRAEDYPIDLYYLMDLSYSMKDDLENVKSLGTDLMNEMRRITSDF
RIGFGSFVEKTVMPYISTTPAKLRNPCTSEQNCTTPFSYKNVLSLTNKGEVFNELVGKQRISGNLDSPEGGFDAIMQVAV
CGSLIGWRNVTRLLVFSTDAGFHFAGDGKLGGIVLPNDGQCHLENNMYTMSHYYDYPSIAHLVQKLSENNIQTIFAVTEE
FQPVYKELKNLIPKSAVGTLSANSSNVIQLIIDAYNSLSSEVILENGKLSEGVTISYKSYCKNGVNGTGENGRKCSNISI
GDEVQFEISITSNKCPKKDSDSFKIRPLGFTEEVEVILQYICECE
;
B
#
# COMPACT_ATOMS: atom_id res chain seq x y z
N PHE A 1 -9.33 -5.79 -26.07
CA PHE A 1 -9.37 -7.28 -26.21
C PHE A 1 -8.60 -7.75 -27.43
N ASN A 2 -8.17 -6.81 -28.25
CA ASN A 2 -7.47 -7.15 -29.48
C ASN A 2 -5.97 -6.92 -29.38
N LEU A 3 -5.44 -6.95 -28.16
CA LEU A 3 -4.00 -6.95 -28.01
C LEU A 3 -3.54 -8.38 -28.20
N ASP A 4 -2.44 -8.53 -28.93
CA ASP A 4 -1.85 -9.83 -29.21
C ASP A 4 -1.10 -10.34 -27.99
N ALA A 5 -1.84 -10.96 -27.09
CA ALA A 5 -1.31 -11.40 -25.81
C ALA A 5 -0.62 -12.75 -25.89
N GLU A 6 -0.85 -13.48 -26.98
CA GLU A 6 -0.22 -14.78 -27.16
C GLU A 6 1.24 -14.66 -27.60
N ALA A 7 1.58 -13.56 -28.26
CA ALA A 7 2.91 -13.41 -28.87
C ALA A 7 3.44 -11.99 -28.71
N PRO A 8 3.57 -11.52 -27.47
CA PRO A 8 4.16 -10.20 -27.27
C PRO A 8 5.67 -10.19 -27.51
N ALA A 9 6.22 -9.01 -27.80
CA ALA A 9 7.66 -8.85 -27.94
C ALA A 9 8.22 -8.56 -26.57
N VAL A 10 9.29 -9.27 -26.20
CA VAL A 10 9.89 -9.12 -24.89
C VAL A 10 11.27 -8.50 -25.05
N LEU A 11 11.48 -7.39 -24.34
CA LEU A 11 12.74 -6.69 -24.33
C LEU A 11 13.43 -6.96 -23.01
N SER A 12 14.74 -7.18 -23.06
CA SER A 12 15.51 -7.55 -21.86
C SER A 12 16.71 -6.64 -21.72
N GLY A 13 16.98 -6.20 -20.48
CA GLY A 13 18.12 -5.38 -20.17
C GLY A 13 19.08 -6.05 -19.20
N PRO A 14 20.08 -5.30 -18.71
CA PRO A 14 21.03 -5.92 -17.77
C PRO A 14 20.33 -6.41 -16.50
N PRO A 15 20.66 -7.63 -16.05
CA PRO A 15 20.06 -8.12 -14.81
C PRO A 15 20.38 -7.22 -13.62
N GLY A 16 19.38 -6.94 -12.79
CA GLY A 16 19.56 -6.08 -11.63
C GLY A 16 19.53 -4.60 -11.98
N SER A 17 19.30 -4.28 -13.25
CA SER A 17 19.29 -2.88 -13.67
C SER A 17 17.92 -2.20 -13.49
N PHE A 18 16.90 -2.97 -13.15
CA PHE A 18 15.50 -2.47 -13.09
C PHE A 18 15.05 -1.95 -14.45
N PHE A 19 15.57 -2.58 -15.49
CA PHE A 19 15.15 -2.34 -16.85
C PHE A 19 13.64 -2.59 -16.94
N GLY A 20 12.89 -1.57 -17.37
CA GLY A 20 11.43 -1.64 -17.44
C GLY A 20 10.74 -0.80 -16.38
N PHE A 21 11.53 -0.17 -15.52
CA PHE A 21 10.99 0.67 -14.46
C PHE A 21 10.18 1.83 -15.03
N SER A 22 10.60 2.32 -16.19
CA SER A 22 9.86 3.34 -16.92
C SER A 22 9.91 2.99 -18.41
N VAL A 23 8.81 3.26 -19.12
CA VAL A 23 8.73 2.93 -20.55
C VAL A 23 7.99 3.99 -21.33
N GLU A 24 8.31 4.11 -22.62
CA GLU A 24 7.88 5.22 -23.45
C GLU A 24 8.01 4.88 -24.92
N PHE A 25 7.17 5.52 -25.73
CA PHE A 25 7.27 5.49 -27.18
C PHE A 25 8.16 6.62 -27.69
N TYR A 26 8.97 6.35 -28.69
CA TYR A 26 9.77 7.40 -29.35
C TYR A 26 9.48 7.39 -30.84
N ARG A 27 9.07 8.54 -31.36
CA ARG A 27 8.73 8.67 -32.78
C ARG A 27 8.99 10.08 -33.29
N PRO A 28 10.26 10.39 -33.65
CA PRO A 28 10.55 11.61 -34.41
C PRO A 28 9.73 11.61 -35.68
N GLY A 29 9.90 10.53 -36.44
CA GLY A 29 8.98 10.16 -37.50
C GLY A 29 8.68 8.68 -37.27
N THR A 30 7.70 8.14 -37.97
CA THR A 30 7.37 6.73 -37.81
C THR A 30 8.49 5.85 -38.34
N ASP A 31 9.38 6.43 -39.14
CA ASP A 31 10.51 5.70 -39.71
C ASP A 31 11.51 5.27 -38.62
N GLY A 32 11.77 6.16 -37.68
CA GLY A 32 12.70 5.88 -36.59
C GLY A 32 11.99 5.52 -35.31
N VAL A 33 10.83 4.87 -35.44
CA VAL A 33 10.02 4.47 -34.29
C VAL A 33 10.79 3.52 -33.35
N SER A 34 10.64 3.73 -32.04
CA SER A 34 11.31 2.86 -31.08
C SER A 34 10.70 2.92 -29.70
N VAL A 35 11.09 1.96 -28.87
CA VAL A 35 10.67 1.92 -27.48
C VAL A 35 11.83 2.42 -26.63
N LEU A 36 11.48 3.26 -25.65
CA LEU A 36 12.43 3.72 -24.66
C LEU A 36 12.14 3.01 -23.34
N VAL A 37 13.19 2.58 -22.66
CA VAL A 37 13.08 1.80 -21.44
C VAL A 37 14.12 2.31 -20.43
N GLY A 38 13.64 2.75 -19.29
CA GLY A 38 14.49 3.19 -18.19
C GLY A 38 15.00 2.00 -17.41
N ALA A 39 16.25 2.10 -16.97
CA ALA A 39 16.90 1.06 -16.19
C ALA A 39 17.72 1.77 -15.12
N PRO A 40 17.04 2.25 -14.06
CA PRO A 40 17.63 3.20 -13.12
C PRO A 40 18.71 2.63 -12.22
N LYS A 41 18.90 1.32 -12.21
CA LYS A 41 19.98 0.70 -11.44
C LYS A 41 21.12 0.19 -12.31
N ALA A 42 21.05 0.47 -13.61
CA ALA A 42 22.11 0.11 -14.54
C ALA A 42 23.45 0.77 -14.20
N ASN A 43 24.52 0.00 -14.31
CA ASN A 43 25.87 0.55 -14.27
C ASN A 43 26.27 1.20 -15.60
N THR A 44 26.94 2.35 -15.50
CA THR A 44 27.39 3.11 -16.67
C THR A 44 28.89 3.31 -16.65
N SER A 45 29.44 3.87 -17.73
CA SER A 45 30.89 4.06 -17.84
C SER A 45 31.31 5.43 -17.30
N GLN A 46 30.35 6.19 -16.78
CA GLN A 46 30.66 7.48 -16.17
C GLN A 46 31.70 7.33 -15.05
N PRO A 47 32.87 7.99 -15.19
CA PRO A 47 33.92 7.79 -14.18
C PRO A 47 33.48 8.11 -12.74
N GLY A 48 33.72 7.18 -11.83
CA GLY A 48 33.40 7.36 -10.42
C GLY A 48 31.94 7.18 -10.05
N VAL A 49 31.09 6.84 -11.04
CA VAL A 49 29.65 6.70 -10.79
C VAL A 49 29.21 5.23 -10.70
N LEU A 50 28.65 4.88 -9.54
CA LEU A 50 28.10 3.55 -9.30
C LEU A 50 26.59 3.56 -9.47
N GLN A 51 26.07 2.64 -10.29
CA GLN A 51 24.66 2.56 -10.62
C GLN A 51 24.06 3.93 -10.88
N GLY A 52 24.59 4.62 -11.88
CA GLY A 52 24.07 5.93 -12.24
C GLY A 52 22.71 5.81 -12.88
N GLY A 53 22.45 4.65 -13.49
CA GLY A 53 21.23 4.43 -14.23
C GLY A 53 21.39 4.77 -15.71
N ALA A 54 20.56 4.13 -16.53
CA ALA A 54 20.61 4.35 -17.97
C ALA A 54 19.21 4.35 -18.57
N VAL A 55 19.10 4.89 -19.78
CA VAL A 55 17.91 4.77 -20.60
C VAL A 55 18.30 4.03 -21.87
N TYR A 56 17.49 3.03 -22.22
CA TYR A 56 17.75 2.22 -23.39
C TYR A 56 16.85 2.62 -24.56
N LEU A 57 17.46 2.66 -25.74
CA LEU A 57 16.75 2.85 -26.99
C LEU A 57 16.61 1.49 -27.70
N CYS A 58 15.36 1.08 -27.90
CA CYS A 58 15.02 -0.22 -28.48
C CYS A 58 14.31 -0.01 -29.82
N PRO A 59 15.06 -0.05 -30.95
CA PRO A 59 14.48 0.14 -32.28
C PRO A 59 13.37 -0.85 -32.59
N TRP A 60 12.28 -0.36 -33.19
CA TRP A 60 11.14 -1.20 -33.50
C TRP A 60 11.13 -1.56 -34.98
N GLY A 61 10.91 -2.83 -35.28
CA GLY A 61 10.88 -3.26 -36.66
C GLY A 61 10.58 -4.73 -36.85
N ALA A 62 10.86 -5.20 -38.06
CA ALA A 62 10.58 -6.57 -38.47
C ALA A 62 11.49 -7.56 -37.73
N SER A 63 12.77 -7.22 -37.60
CA SER A 63 13.76 -8.08 -36.98
C SER A 63 13.72 -7.96 -35.46
N PRO A 64 14.22 -8.99 -34.75
CA PRO A 64 14.22 -8.95 -33.28
C PRO A 64 14.96 -7.74 -32.71
N THR A 65 14.28 -7.01 -31.84
CA THR A 65 14.82 -5.77 -31.27
C THR A 65 16.02 -6.03 -30.36
N GLN A 66 17.03 -5.16 -30.47
CA GLN A 66 18.12 -5.13 -29.51
C GLN A 66 18.30 -3.71 -28.98
N CYS A 67 18.36 -3.59 -27.67
CA CYS A 67 18.40 -2.29 -27.03
C CYS A 67 19.82 -1.82 -26.75
N THR A 68 20.04 -0.51 -26.85
CA THR A 68 21.33 0.09 -26.54
C THR A 68 21.16 1.33 -25.66
N PRO A 69 22.12 1.58 -24.76
CA PRO A 69 22.00 2.76 -23.90
C PRO A 69 22.11 4.07 -24.69
N ILE A 70 21.35 5.07 -24.28
CA ILE A 70 21.45 6.42 -24.82
C ILE A 70 22.44 7.18 -23.96
N GLU A 71 23.34 7.91 -24.59
CA GLU A 71 24.36 8.66 -23.87
C GLU A 71 23.90 10.10 -23.63
N PHE A 72 23.12 10.29 -22.60
CA PHE A 72 22.75 11.63 -22.14
C PHE A 72 23.94 12.31 -21.44
N ASP A 73 24.66 11.54 -20.63
CA ASP A 73 25.70 12.08 -19.77
C ASP A 73 26.82 11.07 -19.57
N SER A 74 27.95 11.28 -20.22
CA SER A 74 29.05 10.32 -20.13
C SER A 74 30.07 10.69 -19.06
N LYS A 75 29.87 11.84 -18.39
CA LYS A 75 30.84 12.30 -17.39
C LYS A 75 30.43 11.98 -15.95
N GLY A 76 31.42 11.94 -15.08
CA GLY A 76 31.19 11.81 -13.66
C GLY A 76 30.81 13.14 -13.04
N SER A 77 30.97 13.24 -11.73
CA SER A 77 30.61 14.44 -11.01
C SER A 77 31.50 15.63 -11.32
N ARG A 78 30.87 16.77 -11.49
CA ARG A 78 31.58 18.03 -11.52
C ARG A 78 32.19 18.25 -10.15
N LEU A 79 33.15 19.16 -10.08
CA LEU A 79 33.93 19.34 -8.87
C LEU A 79 33.58 20.65 -8.22
N LEU A 80 33.69 20.68 -6.90
CA LEU A 80 33.55 21.91 -6.16
C LEU A 80 34.73 22.81 -6.53
N GLU A 81 34.45 23.84 -7.32
CA GLU A 81 35.52 24.64 -7.90
C GLU A 81 36.41 25.30 -6.85
N SER A 82 35.92 25.40 -5.62
CA SER A 82 36.72 25.96 -4.53
C SER A 82 37.62 24.91 -3.87
N SER A 83 37.38 23.63 -4.19
CA SER A 83 38.06 22.54 -3.52
C SER A 83 39.41 22.19 -4.14
N LEU A 84 39.55 22.43 -5.44
CA LEU A 84 40.72 21.96 -6.18
C LEU A 84 42.00 22.58 -5.63
N SER A 85 41.84 23.64 -4.84
CA SER A 85 42.93 24.19 -4.04
C SER A 85 42.83 23.58 -2.64
N SER A 86 42.59 24.43 -1.64
CA SER A 86 42.34 23.97 -0.26
C SER A 86 43.50 23.13 0.27
N SER A 87 43.25 21.83 0.46
CA SER A 87 44.23 20.93 1.08
C SER A 87 43.66 19.52 1.07
N GLU A 88 42.35 19.42 1.25
CA GLU A 88 41.65 18.15 1.15
C GLU A 88 41.64 17.66 -0.30
N GLY A 89 42.14 18.48 -1.21
CA GLY A 89 42.18 18.12 -2.62
C GLY A 89 40.80 18.22 -3.22
N GLU A 90 40.63 17.62 -4.40
CA GLU A 90 39.39 17.67 -5.14
C GLU A 90 38.22 17.15 -4.30
N GLU A 91 37.05 17.74 -4.53
CA GLU A 91 35.82 17.27 -3.90
C GLU A 91 34.68 17.39 -4.92
N PRO A 92 33.85 16.35 -5.06
CA PRO A 92 32.72 16.49 -6.00
C PRO A 92 31.69 17.49 -5.49
N VAL A 93 31.06 18.22 -6.40
CA VAL A 93 30.01 19.15 -6.03
C VAL A 93 28.64 18.47 -6.15
N GLU A 94 28.60 17.34 -6.86
CA GLU A 94 27.38 16.56 -7.05
C GLU A 94 27.62 15.05 -6.89
N TYR A 95 26.53 14.31 -6.73
CA TYR A 95 26.58 12.89 -6.42
C TYR A 95 25.66 12.13 -7.37
N LYS A 96 26.27 11.46 -8.35
CA LYS A 96 25.53 10.79 -9.41
C LYS A 96 25.37 9.31 -9.12
N SER A 97 26.18 8.78 -8.21
CA SER A 97 26.01 7.39 -7.83
C SER A 97 24.63 7.16 -7.22
N LEU A 98 23.97 6.07 -7.63
CA LEU A 98 22.67 5.67 -7.08
C LEU A 98 21.58 6.73 -7.33
N GLN A 99 21.72 7.47 -8.42
CA GLN A 99 20.84 8.60 -8.70
C GLN A 99 19.52 8.21 -9.40
N TRP A 100 19.43 6.94 -9.78
CA TRP A 100 18.26 6.41 -10.50
C TRP A 100 17.94 7.17 -11.80
N PHE A 101 18.95 7.48 -12.59
CA PHE A 101 18.70 8.05 -13.91
C PHE A 101 17.94 7.03 -14.74
N GLY A 102 16.81 7.44 -15.31
CA GLY A 102 15.97 6.54 -16.07
C GLY A 102 14.77 6.10 -15.27
N ALA A 103 14.65 6.61 -14.04
CA ALA A 103 13.51 6.27 -13.22
C ALA A 103 12.23 6.79 -13.87
N THR A 104 12.38 7.85 -14.66
CA THR A 104 11.30 8.40 -15.46
C THR A 104 11.81 8.66 -16.87
N VAL A 105 11.06 8.21 -17.88
CA VAL A 105 11.45 8.46 -19.27
C VAL A 105 10.23 8.90 -20.07
N ARG A 106 10.36 10.02 -20.76
CA ARG A 106 9.26 10.59 -21.54
C ARG A 106 9.80 11.13 -22.85
N ALA A 107 8.96 11.14 -23.88
CA ALA A 107 9.36 11.63 -25.19
C ALA A 107 8.23 12.40 -25.85
N HIS A 108 8.60 13.45 -26.57
CA HIS A 108 7.67 14.22 -27.38
C HIS A 108 8.39 14.65 -28.65
N GLY A 109 7.95 14.14 -29.79
CA GLY A 109 8.64 14.38 -31.03
C GLY A 109 10.01 13.74 -30.98
N SER A 110 11.03 14.51 -31.36
CA SER A 110 12.41 14.04 -31.36
C SER A 110 13.12 14.47 -30.07
N SER A 111 12.32 14.78 -29.05
CA SER A 111 12.84 15.13 -27.73
C SER A 111 12.61 14.02 -26.73
N ILE A 112 13.61 13.78 -25.87
CA ILE A 112 13.49 12.75 -24.84
C ILE A 112 13.89 13.37 -23.53
N LEU A 113 13.07 13.12 -22.51
CA LEU A 113 13.32 13.59 -21.16
C LEU A 113 13.57 12.39 -20.26
N ALA A 114 14.72 12.36 -19.60
CA ALA A 114 15.05 11.28 -18.67
C ALA A 114 15.46 11.87 -17.32
N CYS A 115 14.89 11.37 -16.24
CA CYS A 115 15.12 11.98 -14.93
C CYS A 115 15.82 11.01 -13.97
N ALA A 116 16.56 11.62 -13.05
CA ALA A 116 17.33 10.94 -12.01
C ALA A 116 16.84 11.52 -10.67
N PRO A 117 15.70 11.03 -10.16
CA PRO A 117 15.12 11.68 -8.99
C PRO A 117 15.93 11.52 -7.71
N LEU A 118 16.92 10.63 -7.71
CA LEU A 118 17.78 10.45 -6.53
C LEU A 118 19.16 11.08 -6.73
N TYR A 119 19.31 11.85 -7.80
CA TYR A 119 20.51 12.69 -7.96
C TYR A 119 20.54 13.71 -6.81
N SER A 120 21.69 13.88 -6.18
CA SER A 120 21.84 14.86 -5.10
C SER A 120 23.09 15.71 -5.32
N TRP A 121 23.20 16.81 -4.59
CA TRP A 121 24.40 17.62 -4.71
C TRP A 121 24.75 18.31 -3.40
N ARG A 122 25.97 18.84 -3.38
CA ARG A 122 26.60 19.40 -2.19
C ARG A 122 26.13 20.81 -1.89
N THR A 123 25.76 21.52 -2.96
CA THR A 123 25.71 22.99 -3.00
C THR A 123 27.16 23.48 -2.98
N GLU A 124 27.38 24.72 -3.39
CA GLU A 124 28.73 25.29 -3.42
C GLU A 124 29.02 26.00 -2.10
N LYS A 125 28.04 26.03 -1.21
CA LYS A 125 28.19 26.70 0.08
C LYS A 125 28.56 25.68 1.16
N GLU A 126 27.74 25.54 2.20
CA GLU A 126 28.00 24.54 3.23
C GLU A 126 27.68 23.15 2.67
N PRO A 127 28.45 22.11 3.07
CA PRO A 127 28.24 20.77 2.50
C PRO A 127 26.92 20.12 2.91
N LEU A 128 26.11 19.80 1.92
CA LEU A 128 24.82 19.11 2.12
C LEU A 128 24.74 17.88 1.23
N SER A 129 23.66 17.11 1.38
CA SER A 129 23.40 15.99 0.48
C SER A 129 21.98 16.16 -0.04
N ASP A 130 21.76 17.27 -0.74
CA ASP A 130 20.44 17.67 -1.20
C ASP A 130 19.99 16.88 -2.44
N PRO A 131 19.03 15.96 -2.28
CA PRO A 131 18.54 15.25 -3.47
C PRO A 131 17.53 16.08 -4.25
N VAL A 132 18.06 17.09 -4.95
CA VAL A 132 17.25 18.00 -5.76
C VAL A 132 16.67 17.33 -6.99
N GLY A 133 17.25 16.20 -7.38
CA GLY A 133 16.86 15.53 -8.62
C GLY A 133 17.38 16.29 -9.82
N THR A 134 17.55 15.59 -10.93
CA THR A 134 17.91 16.23 -12.20
C THR A 134 17.30 15.49 -13.37
N CYS A 135 17.20 16.18 -14.50
CA CYS A 135 16.73 15.59 -15.75
C CYS A 135 17.69 15.95 -16.85
N TYR A 136 17.83 15.04 -17.82
CA TYR A 136 18.48 15.36 -19.08
C TYR A 136 17.45 15.36 -20.21
N LEU A 137 17.63 16.29 -21.14
CA LEU A 137 16.71 16.49 -22.25
C LEU A 137 17.52 16.49 -23.54
N SER A 138 17.32 15.46 -24.35
CA SER A 138 17.91 15.44 -25.68
C SER A 138 16.89 16.04 -26.64
N THR A 139 17.35 16.90 -27.54
CA THR A 139 16.44 17.54 -28.49
C THR A 139 16.97 17.44 -29.91
N ASP A 140 16.04 17.39 -30.87
CA ASP A 140 16.37 17.37 -32.29
C ASP A 140 17.26 16.19 -32.68
N ASN A 141 16.76 14.97 -32.49
CA ASN A 141 17.48 13.77 -32.92
C ASN A 141 18.85 13.65 -32.26
N PHE A 142 18.89 13.82 -30.93
CA PHE A 142 20.10 13.60 -30.14
C PHE A 142 21.24 14.57 -30.48
N THR A 143 20.95 15.65 -31.19
CA THR A 143 21.98 16.59 -31.60
C THR A 143 22.36 17.52 -30.44
N ARG A 144 21.39 17.84 -29.60
CA ARG A 144 21.65 18.73 -28.46
C ARG A 144 21.16 18.07 -27.19
N ILE A 145 21.97 18.17 -26.13
CA ILE A 145 21.60 17.59 -24.86
C ILE A 145 21.69 18.63 -23.74
N LEU A 146 20.58 18.80 -23.03
CA LEU A 146 20.42 19.78 -21.97
C LEU A 146 20.18 19.13 -20.60
N GLU A 147 20.65 19.76 -19.53
CA GLU A 147 20.29 19.35 -18.17
C GLU A 147 19.26 20.32 -17.61
N TYR A 148 18.26 19.79 -16.94
CA TYR A 148 17.23 20.62 -16.32
C TYR A 148 16.98 20.12 -14.92
N ALA A 149 17.47 20.88 -13.95
CA ALA A 149 17.29 20.56 -12.54
C ALA A 149 16.76 21.81 -11.84
N PRO A 150 15.47 22.10 -12.01
CA PRO A 150 14.97 23.39 -11.56
C PRO A 150 14.95 23.49 -10.04
N CYS A 151 14.99 22.34 -9.38
CA CYS A 151 15.07 22.34 -7.92
C CYS A 151 16.51 22.49 -7.43
N ARG A 152 17.46 22.39 -8.34
CA ARG A 152 18.84 22.73 -7.99
C ARG A 152 18.96 24.24 -8.01
N SER A 153 18.48 24.85 -6.94
CA SER A 153 18.28 26.28 -6.86
C SER A 153 19.06 26.89 -5.70
N ASP A 154 18.85 28.18 -5.49
CA ASP A 154 19.51 28.88 -4.38
C ASP A 154 18.85 28.61 -3.03
N PHE A 155 17.68 27.96 -3.05
CA PHE A 155 16.99 27.59 -1.82
C PHE A 155 17.27 26.12 -1.49
N SER A 156 18.20 25.92 -0.56
CA SER A 156 18.74 24.59 -0.31
C SER A 156 18.04 23.88 0.84
N TRP A 157 18.40 22.62 1.02
CA TRP A 157 17.96 21.81 2.16
C TRP A 157 16.44 21.56 2.11
N ALA A 158 15.96 20.75 3.05
CA ALA A 158 14.57 20.32 3.06
C ALA A 158 13.61 21.47 3.26
N ALA A 159 14.08 22.53 3.91
CA ALA A 159 13.27 23.72 4.13
C ALA A 159 12.98 24.41 2.81
N GLY A 160 13.92 24.31 1.89
CA GLY A 160 13.78 24.87 0.56
C GLY A 160 13.44 23.76 -0.43
N GLN A 161 14.18 23.70 -1.53
CA GLN A 161 13.96 22.70 -2.59
C GLN A 161 15.05 21.64 -2.61
N GLY A 162 15.80 21.53 -1.52
CA GLY A 162 16.93 20.64 -1.48
C GLY A 162 16.56 19.18 -1.62
N TYR A 163 15.38 18.83 -1.11
CA TYR A 163 14.93 17.43 -1.14
C TYR A 163 13.81 17.20 -2.17
N CYS A 164 13.72 18.14 -3.10
CA CYS A 164 12.67 18.15 -4.11
C CYS A 164 12.52 16.84 -4.90
N GLN A 165 13.63 16.24 -5.30
CA GLN A 165 13.61 15.07 -6.20
C GLN A 165 12.81 15.39 -7.46
N GLY A 166 13.07 16.55 -8.04
CA GLY A 166 12.44 16.95 -9.29
C GLY A 166 12.68 15.91 -10.36
N GLY A 167 11.60 15.49 -11.02
CA GLY A 167 11.68 14.45 -12.03
C GLY A 167 11.20 13.11 -11.50
N PHE A 168 10.87 13.07 -10.22
CA PHE A 168 10.24 11.89 -9.62
C PHE A 168 9.08 11.45 -10.50
N SER A 169 8.33 12.44 -10.97
CA SER A 169 7.38 12.21 -12.04
C SER A 169 7.56 13.32 -13.06
N ALA A 170 7.12 13.05 -14.28
CA ALA A 170 7.33 13.99 -15.36
C ALA A 170 6.42 13.66 -16.52
N GLU A 171 6.07 14.68 -17.28
CA GLU A 171 5.32 14.49 -18.51
C GLU A 171 5.60 15.64 -19.46
N PHE A 172 5.36 15.39 -20.74
CA PHE A 172 5.35 16.41 -21.78
C PHE A 172 3.92 16.83 -22.06
N THR A 173 3.68 18.12 -22.31
CA THR A 173 2.39 18.54 -22.86
C THR A 173 2.41 18.33 -24.36
N LYS A 174 1.27 18.56 -25.00
CA LYS A 174 1.14 18.38 -26.42
C LYS A 174 2.02 19.35 -27.20
N THR A 175 2.49 20.41 -26.55
CA THR A 175 3.37 21.38 -27.20
C THR A 175 4.83 21.08 -26.90
N GLY A 176 5.09 20.08 -26.07
CA GLY A 176 6.43 19.72 -25.71
C GLY A 176 6.94 20.43 -24.46
N ARG A 177 6.09 21.21 -23.80
CA ARG A 177 6.45 21.82 -22.52
C ARG A 177 6.76 20.71 -21.52
N VAL A 178 7.83 20.87 -20.74
CA VAL A 178 8.20 19.90 -19.71
C VAL A 178 7.46 20.20 -18.39
N VAL A 179 6.86 19.18 -17.81
CA VAL A 179 6.19 19.28 -16.52
C VAL A 179 6.81 18.26 -15.59
N LEU A 180 7.34 18.71 -14.45
CA LEU A 180 7.98 17.83 -13.48
C LEU A 180 7.25 17.89 -12.15
N GLY A 181 7.19 16.75 -11.48
CA GLY A 181 6.76 16.68 -10.11
C GLY A 181 7.98 16.47 -9.24
N GLY A 182 8.03 17.17 -8.11
CA GLY A 182 9.08 16.98 -7.13
C GLY A 182 8.41 16.92 -5.77
N PRO A 183 8.25 15.71 -5.21
CA PRO A 183 7.42 15.62 -4.00
C PRO A 183 8.11 16.08 -2.70
N GLY A 184 9.39 16.48 -2.76
CA GLY A 184 10.11 16.77 -1.54
C GLY A 184 10.24 18.24 -1.14
N SER A 185 9.87 19.15 -2.04
CA SER A 185 10.05 20.58 -1.80
C SER A 185 9.31 21.10 -0.56
N TYR A 186 10.00 21.94 0.20
CA TYR A 186 9.43 22.61 1.38
C TYR A 186 8.90 21.60 2.40
N PHE A 187 9.80 20.81 2.95
CA PHE A 187 9.44 19.76 3.90
C PHE A 187 8.31 18.90 3.34
N TRP A 188 8.54 18.45 2.12
CA TRP A 188 7.75 17.43 1.47
C TRP A 188 6.31 17.87 1.23
N GLN A 189 6.11 19.18 1.19
CA GLN A 189 4.91 19.74 0.60
C GLN A 189 4.78 19.24 -0.84
N GLY A 190 5.89 19.25 -1.55
CA GLY A 190 5.91 18.83 -2.94
C GLY A 190 5.65 20.02 -3.83
N GLN A 191 5.95 19.84 -5.11
CA GLN A 191 5.99 20.95 -6.03
C GLN A 191 5.84 20.46 -7.46
N ILE A 192 5.15 21.26 -8.27
CA ILE A 192 5.15 21.08 -9.72
C ILE A 192 5.95 22.21 -10.34
N LEU A 193 6.81 21.86 -11.31
CA LEU A 193 7.62 22.85 -12.01
C LEU A 193 7.57 22.61 -13.51
N SER A 194 7.58 23.68 -14.28
CA SER A 194 7.40 23.53 -15.70
C SER A 194 8.05 24.66 -16.50
N ALA A 195 8.60 24.28 -17.64
CA ALA A 195 9.30 25.21 -18.51
C ALA A 195 9.18 24.67 -19.91
N THR A 196 9.23 25.57 -20.90
CA THR A 196 9.31 25.14 -22.29
C THR A 196 10.72 24.68 -22.59
N GLN A 197 10.87 23.88 -23.63
CA GLN A 197 12.18 23.44 -24.05
C GLN A 197 13.06 24.62 -24.45
N GLU A 198 12.46 25.64 -25.07
CA GLU A 198 13.20 26.83 -25.45
C GLU A 198 13.77 27.53 -24.23
N GLN A 199 12.96 27.68 -23.19
CA GLN A 199 13.39 28.32 -21.95
C GLN A 199 14.56 27.55 -21.32
N ILE A 200 14.46 26.22 -21.32
CA ILE A 200 15.51 25.37 -20.76
C ILE A 200 16.81 25.53 -21.52
N ALA A 201 16.72 25.56 -22.84
CA ALA A 201 17.91 25.67 -23.70
C ALA A 201 18.52 27.07 -23.65
N GLU A 202 17.67 28.07 -23.48
CA GLU A 202 18.07 29.47 -23.50
C GLU A 202 19.03 29.81 -22.37
N SER A 203 18.92 29.09 -21.26
CA SER A 203 19.68 29.39 -20.06
C SER A 203 20.52 28.21 -19.57
N TYR A 204 20.81 27.26 -20.45
CA TYR A 204 21.58 26.08 -20.04
C TYR A 204 23.09 26.35 -20.08
N TYR A 205 23.73 26.17 -18.93
CA TYR A 205 25.17 26.36 -18.78
C TYR A 205 25.74 25.35 -17.81
N PRO A 206 26.38 24.29 -18.32
CA PRO A 206 26.93 23.27 -17.41
C PRO A 206 28.02 23.82 -16.49
N GLU A 207 28.51 25.02 -16.80
CA GLU A 207 29.46 25.72 -15.95
C GLU A 207 28.85 26.00 -14.58
N TYR A 208 27.64 26.56 -14.59
CA TYR A 208 26.92 26.88 -13.37
C TYR A 208 25.95 25.75 -13.04
N LEU A 209 25.90 25.39 -11.78
CA LEU A 209 25.01 24.32 -11.35
C LEU A 209 23.60 24.84 -11.12
N ILE A 210 23.48 26.05 -10.60
CA ILE A 210 22.19 26.70 -10.45
C ILE A 210 21.86 27.45 -11.74
N ASN A 211 21.05 26.84 -12.60
CA ASN A 211 20.65 27.44 -13.88
C ASN A 211 19.21 27.90 -13.87
N LEU A 212 18.96 29.02 -13.19
CA LEU A 212 17.64 29.61 -13.15
C LEU A 212 17.09 29.83 -14.55
N VAL A 213 16.07 29.05 -14.87
CA VAL A 213 15.32 29.23 -16.10
C VAL A 213 14.31 30.36 -15.87
N GLN A 214 14.40 31.38 -16.70
CA GLN A 214 13.46 32.50 -16.59
C GLN A 214 12.14 32.13 -17.25
N GLY A 215 11.04 32.61 -16.67
CA GLY A 215 9.71 32.32 -17.18
C GLY A 215 9.17 31.00 -16.68
N GLN A 216 9.94 30.29 -15.87
CA GLN A 216 9.52 29.01 -15.33
C GLN A 216 8.22 29.12 -14.54
N LEU A 217 7.41 28.07 -14.59
CA LEU A 217 6.22 27.97 -13.75
C LEU A 217 6.50 27.01 -12.63
N GLN A 218 6.14 27.40 -11.40
CA GLN A 218 6.26 26.46 -10.29
C GLN A 218 5.28 26.79 -9.18
N THR A 219 4.79 25.75 -8.51
CA THR A 219 3.87 25.94 -7.41
C THR A 219 4.63 26.64 -6.30
N ARG A 220 3.89 27.31 -5.41
CA ARG A 220 4.50 28.16 -4.41
C ARG A 220 4.57 27.45 -3.06
N GLN A 221 5.54 27.84 -2.26
CA GLN A 221 5.69 27.29 -0.92
C GLN A 221 4.48 27.66 -0.06
N ALA A 222 3.97 26.72 0.71
CA ALA A 222 2.82 26.96 1.58
C ALA A 222 3.22 26.85 3.05
N SER A 223 2.26 27.09 3.95
CA SER A 223 2.54 27.03 5.38
C SER A 223 2.76 25.58 5.82
N SER A 224 3.25 25.43 7.04
CA SER A 224 3.76 24.15 7.55
C SER A 224 2.68 23.07 7.64
N ILE A 225 1.42 23.49 7.75
CA ILE A 225 0.31 22.55 7.86
C ILE A 225 0.20 21.68 6.60
N TYR A 226 0.82 22.13 5.51
CA TYR A 226 0.79 21.38 4.24
C TYR A 226 2.03 20.49 4.05
N ASP A 227 2.94 20.51 5.03
CA ASP A 227 4.13 19.64 4.98
C ASP A 227 3.74 18.18 4.79
N ASP A 228 4.64 17.44 4.16
CA ASP A 228 4.52 15.99 4.03
C ASP A 228 3.25 15.60 3.26
N SER A 229 3.04 16.26 2.12
CA SER A 229 1.89 15.98 1.26
C SER A 229 2.27 15.25 -0.03
N TYR A 230 3.51 15.45 -0.50
CA TYR A 230 4.04 14.75 -1.68
C TYR A 230 3.32 15.15 -2.97
N LEU A 231 2.92 16.42 -3.09
CA LEU A 231 2.49 16.96 -4.39
C LEU A 231 3.56 16.66 -5.44
N GLY A 232 3.14 16.05 -6.55
CA GLY A 232 4.05 15.69 -7.64
C GLY A 232 4.60 14.28 -7.51
N TYR A 233 4.02 13.50 -6.61
CA TYR A 233 4.32 12.08 -6.55
C TYR A 233 3.99 11.47 -7.90
N SER A 234 2.93 12.00 -8.52
CA SER A 234 2.56 11.62 -9.89
C SER A 234 2.08 12.85 -10.63
N VAL A 235 2.21 12.82 -11.94
CA VAL A 235 1.67 13.88 -12.79
C VAL A 235 1.17 13.34 -14.11
N ALA A 236 0.17 14.03 -14.66
CA ALA A 236 -0.26 13.80 -16.02
C ALA A 236 -0.68 15.13 -16.61
N VAL A 237 -1.14 15.10 -17.85
CA VAL A 237 -1.56 16.33 -18.51
C VAL A 237 -2.83 16.08 -19.30
N GLY A 238 -3.67 17.12 -19.35
CA GLY A 238 -4.90 17.09 -20.12
C GLY A 238 -5.56 18.45 -20.03
N GLU A 239 -6.60 18.66 -20.84
CA GLU A 239 -7.26 19.96 -20.89
C GLU A 239 -8.50 19.94 -20.01
N PHE A 240 -8.49 20.77 -18.97
CA PHE A 240 -9.58 20.84 -18.00
C PHE A 240 -10.06 22.26 -17.69
N SER A 241 -9.64 23.24 -18.48
CA SER A 241 -9.90 24.63 -18.16
C SER A 241 -10.56 25.39 -19.32
N GLY A 242 -10.87 24.69 -20.40
CA GLY A 242 -11.64 25.25 -21.49
C GLY A 242 -10.88 25.92 -22.63
N ASP A 243 -9.55 26.01 -22.51
CA ASP A 243 -8.73 26.65 -23.55
C ASP A 243 -7.90 25.62 -24.34
N ASP A 244 -6.83 26.08 -24.97
CA ASP A 244 -5.99 25.23 -25.79
C ASP A 244 -4.60 25.00 -25.15
N THR A 245 -4.48 25.29 -23.86
CA THR A 245 -3.25 25.07 -23.11
C THR A 245 -3.42 23.97 -22.06
N GLU A 246 -2.75 22.85 -22.29
CA GLU A 246 -2.91 21.67 -21.43
C GLU A 246 -2.58 21.96 -19.98
N ASP A 247 -3.39 21.39 -19.10
CA ASP A 247 -3.29 21.61 -17.67
C ASP A 247 -2.57 20.47 -16.98
N PHE A 248 -2.15 20.70 -15.73
CA PHE A 248 -1.31 19.75 -15.00
C PHE A 248 -2.12 19.00 -13.94
N VAL A 249 -2.14 17.69 -14.04
CA VAL A 249 -2.77 16.84 -13.06
C VAL A 249 -1.68 16.32 -12.15
N ALA A 250 -1.87 16.41 -10.84
CA ALA A 250 -0.81 16.03 -9.91
C ALA A 250 -1.36 15.35 -8.66
N GLY A 251 -0.75 14.22 -8.33
CA GLY A 251 -1.10 13.48 -7.14
C GLY A 251 -0.54 14.17 -5.90
N VAL A 252 -1.34 14.19 -4.83
CA VAL A 252 -0.92 14.70 -3.53
C VAL A 252 -1.33 13.63 -2.52
N PRO A 253 -0.68 12.44 -2.62
CA PRO A 253 -1.18 11.25 -1.94
C PRO A 253 -1.13 11.29 -0.42
N LYS A 254 -0.35 12.18 0.19
CA LYS A 254 -0.33 12.27 1.65
C LYS A 254 -1.01 13.53 2.17
N GLY A 255 -1.60 14.30 1.25
CA GLY A 255 -2.35 15.48 1.66
C GLY A 255 -3.56 15.15 2.52
N ASN A 256 -4.08 16.17 3.19
CA ASN A 256 -5.24 16.07 4.08
C ASN A 256 -5.22 14.85 5.00
N LEU A 257 -4.25 14.84 5.91
CA LEU A 257 -4.16 13.82 6.96
C LEU A 257 -4.02 12.42 6.36
N THR A 258 -3.31 12.37 5.23
CA THR A 258 -2.99 11.14 4.50
C THR A 258 -4.20 10.53 3.78
N TYR A 259 -5.32 11.23 3.76
CA TYR A 259 -6.43 10.79 2.94
C TYR A 259 -6.11 10.98 1.47
N GLY A 260 -5.22 11.94 1.19
CA GLY A 260 -4.70 12.19 -0.14
C GLY A 260 -5.65 13.05 -0.94
N TYR A 261 -5.13 13.72 -1.98
CA TYR A 261 -6.01 14.30 -2.98
C TYR A 261 -5.24 14.43 -4.28
N VAL A 262 -5.95 14.79 -5.33
CA VAL A 262 -5.37 15.04 -6.63
C VAL A 262 -5.76 16.43 -7.04
N THR A 263 -4.82 17.18 -7.59
CA THR A 263 -5.11 18.56 -7.97
C THR A 263 -4.92 18.71 -9.46
N ILE A 264 -5.69 19.61 -10.03
CA ILE A 264 -5.51 20.02 -11.40
C ILE A 264 -5.12 21.48 -11.42
N LEU A 265 -3.99 21.77 -12.07
CA LEU A 265 -3.45 23.11 -12.13
C LEU A 265 -3.62 23.71 -13.51
N ASN A 266 -3.97 24.99 -13.56
CA ASN A 266 -4.05 25.75 -14.80
C ASN A 266 -2.70 25.77 -15.52
N GLY A 267 -2.64 25.21 -16.73
CA GLY A 267 -1.39 25.10 -17.47
C GLY A 267 -0.76 26.41 -17.90
N SER A 268 -1.49 27.52 -17.73
CA SER A 268 -1.00 28.84 -18.11
C SER A 268 -0.29 29.56 -16.97
N ASP A 269 -0.81 29.44 -15.75
CA ASP A 269 -0.25 30.13 -14.57
C ASP A 269 -0.12 29.23 -13.34
N ILE A 270 -0.19 27.91 -13.56
CA ILE A 270 -0.05 26.87 -12.55
C ILE A 270 -0.92 27.07 -11.28
N ARG A 271 -1.92 27.96 -11.36
CA ARG A 271 -2.87 28.15 -10.27
C ARG A 271 -3.85 26.97 -10.16
N SER A 272 -4.30 26.71 -8.95
CA SER A 272 -5.14 25.55 -8.65
C SER A 272 -6.57 25.67 -9.19
N LEU A 273 -7.03 24.66 -9.92
CA LEU A 273 -8.37 24.68 -10.54
C LEU A 273 -9.37 23.75 -9.86
N TYR A 274 -8.92 22.54 -9.53
CA TYR A 274 -9.77 21.50 -8.95
C TYR A 274 -8.97 20.65 -7.96
N ASN A 275 -9.63 20.18 -6.90
CA ASN A 275 -9.09 19.09 -6.10
C ASN A 275 -10.07 17.94 -6.02
N PHE A 276 -9.53 16.73 -5.98
CA PHE A 276 -10.33 15.53 -5.78
C PHE A 276 -9.75 14.76 -4.62
N SER A 277 -10.61 14.34 -3.70
CA SER A 277 -10.16 13.77 -2.44
C SER A 277 -10.19 12.24 -2.39
N GLY A 278 -9.20 11.63 -1.75
CA GLY A 278 -9.26 10.21 -1.46
C GLY A 278 -10.35 9.92 -0.44
N GLU A 279 -10.67 8.64 -0.21
CA GLU A 279 -11.76 8.27 0.69
C GLU A 279 -11.31 7.46 1.92
N GLN A 280 -10.03 7.10 1.95
CA GLN A 280 -9.50 6.27 3.03
C GLN A 280 -8.07 6.66 3.41
N MET A 281 -7.82 6.76 4.72
CA MET A 281 -6.48 7.11 5.18
C MET A 281 -5.46 6.12 4.61
N ALA A 282 -4.39 6.71 4.10
CA ALA A 282 -3.22 5.99 3.58
C ALA A 282 -3.53 4.98 2.46
N SER A 283 -4.56 5.24 1.66
CA SER A 283 -4.83 4.41 0.46
C SER A 283 -3.90 4.80 -0.69
N TYR A 284 -3.16 5.89 -0.49
CA TYR A 284 -2.24 6.46 -1.48
C TYR A 284 -2.99 6.90 -2.74
N PHE A 285 -4.18 7.47 -2.53
CA PHE A 285 -4.92 8.13 -3.61
C PHE A 285 -4.05 9.20 -4.25
N GLY A 286 -3.74 9.00 -5.54
CA GLY A 286 -2.83 9.87 -6.27
C GLY A 286 -1.44 9.27 -6.47
N TYR A 287 -1.32 7.99 -6.16
CA TYR A 287 -0.12 7.23 -6.48
C TYR A 287 0.14 7.31 -7.99
N ALA A 288 -0.93 7.21 -8.75
CA ALA A 288 -0.88 7.35 -10.21
C ALA A 288 -2.10 8.15 -10.66
N VAL A 289 -1.91 8.94 -11.70
CA VAL A 289 -3.00 9.72 -12.29
C VAL A 289 -2.87 9.63 -13.80
N ALA A 290 -4.00 9.82 -14.46
CA ALA A 290 -4.04 9.81 -15.91
C ALA A 290 -5.17 10.70 -16.38
N ALA A 291 -5.04 11.21 -17.60
CA ALA A 291 -6.05 12.05 -18.22
C ALA A 291 -6.28 11.58 -19.64
N THR A 292 -7.53 11.27 -19.95
CA THR A 292 -7.90 10.88 -21.30
C THR A 292 -9.43 10.84 -21.43
N ASP A 293 -9.95 11.14 -22.60
CA ASP A 293 -11.38 11.10 -22.82
C ASP A 293 -11.84 9.66 -22.95
N VAL A 294 -12.52 9.15 -21.93
CA VAL A 294 -12.97 7.76 -21.96
C VAL A 294 -14.43 7.58 -22.38
N ASN A 295 -15.16 8.66 -22.69
CA ASN A 295 -16.57 8.53 -23.11
C ASN A 295 -16.96 9.26 -24.40
N GLY A 296 -15.98 9.75 -25.15
CA GLY A 296 -16.19 10.16 -26.53
C GLY A 296 -16.81 11.52 -26.76
N ASP A 297 -16.83 12.36 -25.73
CA ASP A 297 -17.44 13.67 -25.86
C ASP A 297 -16.40 14.77 -26.09
N GLY A 298 -15.13 14.38 -26.17
CA GLY A 298 -14.08 15.31 -26.52
C GLY A 298 -13.50 16.05 -25.32
N LEU A 299 -14.03 15.77 -24.13
CA LEU A 299 -13.53 16.36 -22.89
C LEU A 299 -12.66 15.35 -22.17
N ASP A 300 -11.45 15.78 -21.79
CA ASP A 300 -10.56 14.92 -21.02
C ASP A 300 -11.17 14.56 -19.68
N ASP A 301 -11.02 13.30 -19.29
CA ASP A 301 -11.51 12.81 -18.01
C ASP A 301 -10.33 12.42 -17.12
N LEU A 302 -10.56 12.44 -15.82
CA LEU A 302 -9.53 12.20 -14.82
C LEU A 302 -9.59 10.77 -14.31
N LEU A 303 -8.45 10.09 -14.25
CA LEU A 303 -8.36 8.81 -13.55
C LEU A 303 -7.32 8.91 -12.45
N VAL A 304 -7.63 8.33 -11.29
CA VAL A 304 -6.74 8.35 -10.14
C VAL A 304 -6.67 6.96 -9.53
N GLY A 305 -5.44 6.53 -9.23
CA GLY A 305 -5.23 5.24 -8.58
C GLY A 305 -4.93 5.40 -7.09
N ALA A 306 -5.49 4.51 -6.28
CA ALA A 306 -5.23 4.41 -4.84
C ALA A 306 -4.93 2.95 -4.52
N PRO A 307 -3.69 2.53 -4.74
CA PRO A 307 -3.36 1.10 -4.76
C PRO A 307 -3.38 0.41 -3.40
N LEU A 308 -3.48 1.18 -2.31
CA LEU A 308 -3.47 0.59 -0.97
C LEU A 308 -4.88 0.55 -0.40
N LEU A 309 -5.87 0.96 -1.18
CA LEU A 309 -7.25 0.97 -0.73
C LEU A 309 -7.65 -0.39 -0.19
N MET A 310 -8.22 -0.35 1.00
CA MET A 310 -8.62 -1.52 1.74
C MET A 310 -10.14 -1.61 1.77
N ASP A 311 -10.68 -2.75 1.37
CA ASP A 311 -12.12 -3.00 1.51
C ASP A 311 -12.33 -4.25 2.36
N ARG A 312 -13.59 -4.56 2.63
CA ARG A 312 -13.93 -5.76 3.40
C ARG A 312 -14.68 -6.73 2.52
N THR A 313 -14.32 -8.01 2.62
CA THR A 313 -14.99 -9.06 1.88
C THR A 313 -16.35 -9.36 2.52
N PRO A 314 -17.24 -10.05 1.79
CA PRO A 314 -18.58 -10.33 2.31
C PRO A 314 -18.58 -11.00 3.68
N ASP A 315 -17.56 -11.81 3.98
CA ASP A 315 -17.52 -12.52 5.25
C ASP A 315 -16.66 -11.79 6.30
N GLY A 316 -16.48 -10.48 6.10
CA GLY A 316 -15.98 -9.59 7.14
C GLY A 316 -14.47 -9.48 7.29
N ARG A 317 -13.72 -9.75 6.24
CA ARG A 317 -12.26 -9.72 6.30
C ARG A 317 -11.71 -8.52 5.56
N PRO A 318 -10.87 -7.71 6.24
CA PRO A 318 -10.26 -6.60 5.50
C PRO A 318 -9.23 -7.11 4.51
N GLN A 319 -9.10 -6.44 3.37
CA GLN A 319 -8.08 -6.82 2.40
C GLN A 319 -7.61 -5.61 1.61
N GLU A 320 -6.29 -5.50 1.49
CA GLU A 320 -5.68 -4.51 0.62
C GLU A 320 -5.91 -4.96 -0.83
N VAL A 321 -6.53 -4.11 -1.64
CA VAL A 321 -6.85 -4.47 -3.03
C VAL A 321 -6.52 -3.36 -4.03
N GLY A 322 -6.77 -2.13 -3.63
CA GLY A 322 -6.54 -0.97 -4.47
C GLY A 322 -7.79 -0.60 -5.27
N ARG A 323 -7.87 0.67 -5.68
CA ARG A 323 -9.05 1.17 -6.36
C ARG A 323 -8.66 2.26 -7.34
N VAL A 324 -9.42 2.39 -8.42
CA VAL A 324 -9.20 3.47 -9.37
C VAL A 324 -10.50 4.27 -9.46
N TYR A 325 -10.35 5.59 -9.52
CA TYR A 325 -11.50 6.48 -9.54
C TYR A 325 -11.48 7.20 -10.86
N VAL A 326 -12.67 7.40 -11.43
CA VAL A 326 -12.83 8.10 -12.70
C VAL A 326 -13.80 9.27 -12.52
N TYR A 327 -13.40 10.43 -13.01
CA TYR A 327 -14.16 11.66 -12.94
C TYR A 327 -14.35 12.19 -14.35
N LEU A 328 -15.59 12.22 -14.82
CA LEU A 328 -15.84 12.67 -16.18
C LEU A 328 -15.95 14.19 -16.22
N GLN A 329 -15.24 14.81 -17.17
CA GLN A 329 -15.36 16.25 -17.35
C GLN A 329 -16.67 16.54 -18.09
N HIS A 330 -17.38 17.56 -17.63
CA HIS A 330 -18.57 18.05 -18.30
CA HIS A 330 -18.58 18.06 -18.28
C HIS A 330 -18.36 19.51 -18.65
N PRO A 331 -19.17 20.04 -19.59
CA PRO A 331 -18.93 21.43 -20.01
C PRO A 331 -18.94 22.45 -18.87
N ALA A 332 -19.63 22.14 -17.77
CA ALA A 332 -19.72 23.07 -16.64
C ALA A 332 -18.55 22.88 -15.66
N GLY A 333 -17.85 21.76 -15.78
CA GLY A 333 -16.68 21.52 -14.97
C GLY A 333 -16.41 20.04 -14.76
N ILE A 334 -16.08 19.69 -13.52
CA ILE A 334 -15.87 18.30 -13.13
C ILE A 334 -16.40 18.16 -11.72
N GLU A 335 -17.23 17.15 -11.49
CA GLU A 335 -17.78 16.92 -10.17
C GLU A 335 -16.73 16.29 -9.25
N PRO A 336 -16.84 16.55 -7.94
CA PRO A 336 -15.84 16.04 -6.99
C PRO A 336 -16.05 14.57 -6.63
N THR A 337 -17.27 14.10 -6.80
CA THR A 337 -17.59 12.69 -6.61
C THR A 337 -17.22 11.89 -7.86
N PRO A 338 -16.59 10.72 -7.68
CA PRO A 338 -16.22 9.91 -8.83
C PRO A 338 -17.44 9.48 -9.62
N THR A 339 -17.31 9.46 -10.95
CA THR A 339 -18.40 8.98 -11.79
C THR A 339 -18.56 7.48 -11.59
N LEU A 340 -17.42 6.79 -11.45
CA LEU A 340 -17.38 5.36 -11.25
C LEU A 340 -16.07 4.99 -10.57
N THR A 341 -16.02 3.80 -9.99
CA THR A 341 -14.79 3.29 -9.39
C THR A 341 -14.60 1.85 -9.83
N LEU A 342 -13.33 1.45 -9.90
CA LEU A 342 -12.94 0.08 -10.17
C LEU A 342 -12.08 -0.38 -9.01
N THR A 343 -12.38 -1.55 -8.46
CA THR A 343 -11.68 -2.06 -7.28
C THR A 343 -10.95 -3.36 -7.64
N GLY A 344 -9.74 -3.53 -7.12
CA GLY A 344 -8.98 -4.72 -7.42
C GLY A 344 -9.57 -5.89 -6.68
N HIS A 345 -9.22 -7.11 -7.10
CA HIS A 345 -9.73 -8.33 -6.47
C HIS A 345 -8.62 -9.20 -5.86
N ASP A 346 -7.37 -8.90 -6.18
CA ASP A 346 -6.23 -9.67 -5.65
C ASP A 346 -5.69 -8.98 -4.40
N GLU A 347 -5.68 -9.69 -3.27
CA GLU A 347 -5.16 -9.11 -2.06
C GLU A 347 -3.69 -8.73 -2.23
N PHE A 348 -3.35 -7.49 -1.82
CA PHE A 348 -1.99 -6.92 -1.93
C PHE A 348 -1.55 -6.70 -3.37
N GLY A 349 -2.49 -6.81 -4.31
CA GLY A 349 -2.18 -6.72 -5.73
C GLY A 349 -1.78 -5.34 -6.20
N ARG A 350 -2.17 -4.32 -5.44
CA ARG A 350 -1.85 -2.93 -5.74
C ARG A 350 -2.46 -2.49 -7.07
N PHE A 351 -3.69 -2.93 -7.30
CA PHE A 351 -4.50 -2.43 -8.40
C PHE A 351 -4.50 -0.89 -8.40
N GLY A 352 -4.17 -0.31 -9.53
CA GLY A 352 -4.15 1.14 -9.68
C GLY A 352 -2.79 1.76 -9.45
N SER A 353 -1.75 0.92 -9.40
CA SER A 353 -0.40 1.41 -9.23
C SER A 353 0.07 2.16 -10.47
N SER A 354 -0.54 1.82 -11.60
CA SER A 354 -0.17 2.43 -12.87
C SER A 354 -1.41 2.51 -13.74
N LEU A 355 -1.45 3.54 -14.55
CA LEU A 355 -2.58 3.83 -15.43
C LEU A 355 -2.02 4.30 -16.73
N THR A 356 -2.69 3.96 -17.84
CA THR A 356 -2.33 4.59 -19.08
C THR A 356 -3.52 4.65 -20.02
N PRO A 357 -3.67 5.78 -20.70
CA PRO A 357 -4.62 5.78 -21.81
C PRO A 357 -4.14 4.79 -22.88
N LEU A 358 -5.06 4.10 -23.55
CA LEU A 358 -4.69 3.17 -24.63
C LEU A 358 -5.06 3.71 -25.99
N GLY A 359 -5.67 4.89 -25.99
CA GLY A 359 -6.37 5.35 -27.18
C GLY A 359 -7.52 4.39 -27.40
N ASP A 360 -8.04 4.36 -28.62
CA ASP A 360 -9.19 3.49 -28.93
C ASP A 360 -8.70 2.16 -29.50
N LEU A 361 -8.62 1.16 -28.63
CA LEU A 361 -7.99 -0.09 -28.97
C LEU A 361 -8.79 -0.84 -30.04
N ASP A 362 -10.12 -0.83 -29.90
CA ASP A 362 -11.00 -1.61 -30.78
C ASP A 362 -11.70 -0.73 -31.82
N GLN A 363 -11.38 0.56 -31.82
CA GLN A 363 -11.89 1.51 -32.80
C GLN A 363 -13.42 1.54 -32.81
N ASP A 364 -14.00 1.69 -31.64
CA ASP A 364 -15.46 1.73 -31.49
C ASP A 364 -15.95 3.14 -31.17
N GLY A 365 -15.05 4.10 -31.18
CA GLY A 365 -15.39 5.48 -30.91
C GLY A 365 -15.10 5.90 -29.47
N TYR A 366 -14.71 4.96 -28.62
CA TYR A 366 -14.40 5.25 -27.22
C TYR A 366 -12.99 4.78 -26.84
N ASN A 367 -12.23 5.70 -26.23
CA ASN A 367 -10.86 5.42 -25.79
C ASN A 367 -10.86 4.54 -24.59
N ASP A 368 -9.84 3.68 -24.50
CA ASP A 368 -9.81 2.65 -23.51
C ASP A 368 -8.63 2.91 -22.59
N VAL A 369 -8.55 2.17 -21.50
CA VAL A 369 -7.53 2.40 -20.46
C VAL A 369 -6.96 1.09 -19.96
N ALA A 370 -5.67 1.12 -19.62
CA ALA A 370 -5.04 0.00 -18.94
C ALA A 370 -4.66 0.40 -17.52
N ILE A 371 -4.84 -0.54 -16.59
CA ILE A 371 -4.59 -0.37 -15.17
C ILE A 371 -3.75 -1.54 -14.68
N GLY A 372 -2.62 -1.24 -14.05
CA GLY A 372 -1.75 -2.27 -13.54
C GLY A 372 -2.02 -2.66 -12.10
N ALA A 373 -1.82 -3.94 -11.81
CA ALA A 373 -1.79 -4.45 -10.44
C ALA A 373 -0.54 -5.31 -10.31
N PRO A 374 0.62 -4.67 -10.03
CA PRO A 374 1.97 -5.25 -10.10
C PRO A 374 2.19 -6.52 -9.27
N PHE A 375 1.33 -6.80 -8.31
CA PHE A 375 1.43 -8.01 -7.50
C PHE A 375 0.17 -8.84 -7.61
N GLY A 376 -0.67 -8.53 -8.59
CA GLY A 376 -1.86 -9.33 -8.86
C GLY A 376 -1.50 -10.67 -9.49
N GLY A 377 -2.52 -11.50 -9.73
CA GLY A 377 -2.31 -12.79 -10.35
C GLY A 377 -2.11 -13.88 -9.34
N GLU A 378 -2.19 -15.12 -9.79
CA GLU A 378 -2.20 -16.28 -8.91
C GLU A 378 -0.83 -16.59 -8.32
N THR A 379 0.22 -16.05 -8.95
CA THR A 379 1.59 -16.24 -8.49
C THR A 379 2.23 -14.90 -8.16
N GLN A 380 1.37 -13.88 -8.01
CA GLN A 380 1.77 -12.52 -7.61
C GLN A 380 2.84 -11.92 -8.51
N GLN A 381 2.78 -12.26 -9.79
CA GLN A 381 3.74 -11.73 -10.75
C GLN A 381 3.32 -10.37 -11.27
N GLY A 382 2.04 -10.06 -11.11
CA GLY A 382 1.49 -8.80 -11.59
C GLY A 382 0.56 -9.05 -12.77
N VAL A 383 -0.33 -8.09 -13.00
CA VAL A 383 -1.37 -8.20 -14.03
C VAL A 383 -1.68 -6.81 -14.58
N VAL A 384 -2.06 -6.74 -15.85
CA VAL A 384 -2.54 -5.50 -16.46
C VAL A 384 -3.96 -5.71 -17.00
N PHE A 385 -4.89 -4.86 -16.57
CA PHE A 385 -6.28 -4.95 -16.97
C PHE A 385 -6.63 -3.90 -18.01
N VAL A 386 -7.27 -4.34 -19.08
CA VAL A 386 -7.79 -3.41 -20.08
C VAL A 386 -9.27 -3.15 -19.80
N PHE A 387 -9.62 -1.89 -19.65
CA PHE A 387 -11.03 -1.51 -19.51
C PHE A 387 -11.51 -0.67 -20.68
N PRO A 388 -12.70 -1.00 -21.23
CA PRO A 388 -13.20 -0.27 -22.41
C PRO A 388 -13.87 1.04 -22.04
N GLY A 389 -13.71 2.06 -22.88
CA GLY A 389 -14.46 3.29 -22.75
C GLY A 389 -15.88 3.05 -23.21
N GLY A 390 -16.73 4.05 -23.05
CA GLY A 390 -18.13 3.91 -23.38
C GLY A 390 -18.82 5.20 -23.02
N PRO A 391 -20.06 5.40 -23.51
CA PRO A 391 -20.73 6.69 -23.38
C PRO A 391 -20.90 7.15 -21.93
N GLY A 392 -20.95 6.22 -20.98
CA GLY A 392 -21.09 6.57 -19.57
C GLY A 392 -19.77 6.42 -18.82
N GLY A 393 -18.68 6.22 -19.56
CA GLY A 393 -17.37 5.97 -18.99
C GLY A 393 -16.94 4.53 -19.15
N LEU A 394 -16.01 4.08 -18.31
CA LEU A 394 -15.41 2.77 -18.46
C LEU A 394 -16.37 1.65 -18.10
N GLY A 395 -16.14 0.49 -18.71
CA GLY A 395 -16.90 -0.69 -18.37
C GLY A 395 -16.50 -1.13 -16.97
N SER A 396 -17.31 -1.97 -16.35
CA SER A 396 -17.05 -2.42 -14.98
C SER A 396 -16.21 -3.67 -14.99
N LYS A 397 -16.09 -4.28 -16.17
CA LYS A 397 -15.37 -5.53 -16.31
C LYS A 397 -14.21 -5.34 -17.27
N PRO A 398 -13.06 -5.98 -17.00
CA PRO A 398 -11.98 -5.85 -17.97
C PRO A 398 -12.37 -6.51 -19.30
N SER A 399 -11.94 -5.93 -20.41
CA SER A 399 -12.17 -6.51 -21.71
C SER A 399 -10.95 -7.36 -22.10
N GLN A 400 -9.83 -7.16 -21.40
CA GLN A 400 -8.65 -8.02 -21.57
C GLN A 400 -7.83 -8.01 -20.29
N VAL A 401 -7.25 -9.15 -19.96
CA VAL A 401 -6.34 -9.29 -18.84
C VAL A 401 -4.99 -9.80 -19.34
N LEU A 402 -3.94 -8.98 -19.17
CA LEU A 402 -2.59 -9.35 -19.61
C LEU A 402 -1.76 -9.88 -18.46
N GLN A 403 -1.02 -10.96 -18.73
CA GLN A 403 -0.18 -11.58 -17.72
C GLN A 403 1.09 -12.11 -18.33
N PRO A 404 2.21 -12.04 -17.59
CA PRO A 404 3.48 -12.55 -18.10
C PRO A 404 3.35 -14.03 -18.44
N LEU A 405 3.91 -14.42 -19.58
CA LEU A 405 3.88 -15.82 -20.00
C LEU A 405 5.05 -16.62 -19.38
N TRP A 406 5.98 -15.93 -18.73
CA TRP A 406 7.10 -16.61 -18.06
C TRP A 406 6.74 -16.99 -16.62
N ALA A 407 7.48 -17.94 -16.06
CA ALA A 407 7.22 -18.46 -14.73
C ALA A 407 7.69 -17.49 -13.66
N ALA A 408 7.12 -17.60 -12.47
CA ALA A 408 7.51 -16.76 -11.35
C ALA A 408 8.92 -17.14 -10.92
N SER A 409 9.62 -16.18 -10.31
CA SER A 409 10.94 -16.40 -9.76
C SER A 409 10.89 -16.31 -8.25
N HIS A 410 12.06 -16.26 -7.62
CA HIS A 410 12.12 -16.12 -6.18
C HIS A 410 11.85 -14.67 -5.77
N THR A 411 11.87 -13.75 -6.73
CA THR A 411 11.56 -12.34 -6.47
C THR A 411 10.45 -11.82 -7.39
N PRO A 412 9.72 -10.79 -6.95
CA PRO A 412 8.58 -10.31 -7.74
C PRO A 412 8.97 -9.75 -9.10
N ASP A 413 8.14 -10.04 -10.09
CA ASP A 413 8.31 -9.53 -11.46
C ASP A 413 8.00 -8.03 -11.60
N PHE A 414 7.01 -7.59 -10.83
CA PHE A 414 6.46 -6.23 -10.91
C PHE A 414 5.82 -5.98 -12.27
N PHE A 415 5.28 -7.03 -12.87
CA PHE A 415 4.63 -6.90 -14.17
C PHE A 415 3.46 -5.93 -14.08
N GLY A 416 3.49 -4.87 -14.89
CA GLY A 416 2.44 -3.88 -14.91
C GLY A 416 2.70 -2.71 -13.99
N SER A 417 3.91 -2.61 -13.44
CA SER A 417 4.24 -1.51 -12.57
C SER A 417 4.54 -0.24 -13.37
N ALA A 418 4.81 -0.43 -14.66
CA ALA A 418 4.97 0.68 -15.61
C ALA A 418 4.16 0.38 -16.87
N LEU A 419 3.54 1.42 -17.43
CA LEU A 419 2.65 1.31 -18.59
C LEU A 419 2.83 2.50 -19.51
N ARG A 420 2.67 2.25 -20.81
CA ARG A 420 2.57 3.34 -21.76
C ARG A 420 1.79 2.81 -22.97
N GLY A 421 0.66 3.46 -23.26
CA GLY A 421 -0.18 3.08 -24.39
C GLY A 421 -0.62 4.27 -25.22
N GLY A 422 -1.42 4.00 -26.25
CA GLY A 422 -2.05 5.07 -27.01
C GLY A 422 -1.20 5.61 -28.15
N ARG A 423 -0.23 4.81 -28.59
CA ARG A 423 0.57 5.15 -29.76
C ARG A 423 0.66 3.92 -30.64
N ASP A 424 0.83 4.17 -31.92
CA ASP A 424 0.85 3.11 -32.90
C ASP A 424 2.28 2.90 -33.41
N LEU A 425 2.92 1.84 -32.95
CA LEU A 425 4.30 1.56 -33.30
C LEU A 425 4.45 1.19 -34.77
N ASP A 426 3.81 0.10 -35.15
CA ASP A 426 3.92 -0.44 -36.50
C ASP A 426 3.08 0.33 -37.53
N GLY A 427 2.17 1.18 -37.06
CA GLY A 427 1.35 1.97 -37.95
C GLY A 427 0.25 1.18 -38.66
N ASN A 428 -0.33 0.18 -37.99
CA ASN A 428 -1.43 -0.60 -38.59
C ASN A 428 -2.79 -0.02 -38.25
N GLY A 429 -2.82 1.20 -37.71
CA GLY A 429 -4.05 1.86 -37.34
C GLY A 429 -4.55 1.50 -35.94
N TYR A 430 -3.92 0.53 -35.30
CA TYR A 430 -4.33 0.10 -33.97
C TYR A 430 -3.29 0.53 -32.94
N PRO A 431 -3.74 1.10 -31.82
CA PRO A 431 -2.76 1.47 -30.79
C PRO A 431 -2.12 0.26 -30.09
N ASP A 432 -0.93 0.47 -29.54
CA ASP A 432 -0.11 -0.58 -28.97
C ASP A 432 0.22 -0.23 -27.52
N LEU A 433 0.67 -1.22 -26.74
CA LEU A 433 0.88 -1.02 -25.30
C LEU A 433 2.21 -1.57 -24.80
N ILE A 434 2.99 -0.72 -24.13
CA ILE A 434 4.25 -1.14 -23.51
C ILE A 434 3.98 -1.40 -22.03
N VAL A 435 4.40 -2.57 -21.55
CA VAL A 435 4.32 -2.93 -20.13
C VAL A 435 5.72 -3.24 -19.57
N GLY A 436 6.06 -2.59 -18.47
CA GLY A 436 7.32 -2.86 -17.78
C GLY A 436 7.16 -4.00 -16.80
N SER A 437 8.23 -4.75 -16.57
CA SER A 437 8.29 -5.76 -15.54
C SER A 437 9.70 -5.75 -14.97
N PHE A 438 10.02 -4.66 -14.30
CA PHE A 438 11.40 -4.33 -13.98
C PHE A 438 12.03 -5.32 -13.01
N GLY A 439 11.19 -6.07 -12.31
CA GLY A 439 11.66 -7.07 -11.36
C GLY A 439 12.45 -8.17 -12.03
N VAL A 440 12.17 -8.43 -13.30
CA VAL A 440 12.94 -9.40 -14.07
C VAL A 440 13.67 -8.70 -15.22
N ASP A 441 13.77 -7.38 -15.15
CA ASP A 441 14.49 -6.60 -16.15
C ASP A 441 13.95 -6.83 -17.54
N LYS A 442 12.63 -6.75 -17.66
CA LYS A 442 11.99 -6.91 -18.96
C LYS A 442 10.95 -5.82 -19.21
N ALA A 443 10.64 -5.64 -20.49
CA ALA A 443 9.55 -4.82 -20.91
C ALA A 443 8.87 -5.59 -22.00
N VAL A 444 7.55 -5.52 -22.04
CA VAL A 444 6.75 -6.29 -22.99
C VAL A 444 5.99 -5.32 -23.87
N VAL A 445 5.99 -5.56 -25.17
CA VAL A 445 5.24 -4.72 -26.10
C VAL A 445 4.11 -5.52 -26.72
N TYR A 446 2.89 -5.06 -26.50
CA TYR A 446 1.70 -5.68 -27.04
C TYR A 446 1.26 -4.90 -28.23
N ARG A 447 1.06 -5.60 -29.35
CA ARG A 447 0.58 -5.00 -30.59
C ARG A 447 -0.93 -5.16 -30.70
N GLY A 448 -1.61 -4.07 -31.00
CA GLY A 448 -3.02 -4.14 -31.33
C GLY A 448 -3.20 -4.66 -32.75
N ARG A 449 -4.26 -5.44 -32.95
CA ARG A 449 -4.54 -6.06 -34.25
C ARG A 449 -6.03 -6.02 -34.54
N PRO A 450 -6.42 -6.19 -35.82
CA PRO A 450 -7.84 -6.39 -36.10
C PRO A 450 -8.40 -7.65 -35.44
N VAL A 451 -9.49 -7.51 -34.69
CA VAL A 451 -10.12 -8.64 -34.00
C VAL A 451 -11.60 -8.35 -33.86
N VAL A 452 -12.41 -9.41 -33.87
CA VAL A 452 -13.85 -9.30 -33.64
C VAL A 452 -14.26 -10.23 -32.49
N ASN B 5 -45.22 -26.43 -4.95
CA ASN B 5 -43.98 -26.12 -4.26
C ASN B 5 -42.77 -26.24 -5.20
N ARG B 6 -41.58 -26.06 -4.65
CA ARG B 6 -40.35 -26.02 -5.45
C ARG B 6 -39.63 -27.37 -5.57
N CYS B 7 -39.95 -28.30 -4.67
CA CYS B 7 -39.38 -29.64 -4.75
C CYS B 7 -39.85 -30.31 -6.03
N LEU B 8 -41.14 -30.22 -6.30
CA LEU B 8 -41.71 -30.74 -7.52
C LEU B 8 -41.21 -29.92 -8.71
N LYS B 9 -41.36 -28.61 -8.60
CA LYS B 9 -40.99 -27.70 -9.70
C LYS B 9 -39.49 -27.70 -9.98
N ALA B 10 -38.72 -28.36 -9.12
CA ALA B 10 -37.29 -28.53 -9.36
C ALA B 10 -37.04 -29.67 -10.34
N ASN B 11 -38.02 -30.56 -10.45
CA ASN B 11 -37.88 -31.80 -11.21
C ASN B 11 -36.59 -32.51 -10.82
N ALA B 12 -36.51 -32.88 -9.54
CA ALA B 12 -35.33 -33.57 -9.05
C ALA B 12 -35.22 -34.92 -9.73
N LYS B 13 -34.25 -35.04 -10.63
CA LYS B 13 -33.99 -36.29 -11.32
C LYS B 13 -33.51 -37.36 -10.35
N SER B 14 -32.79 -36.93 -9.31
CA SER B 14 -32.21 -37.85 -8.35
C SER B 14 -32.44 -37.41 -6.91
N CYS B 15 -31.89 -38.18 -5.98
CA CYS B 15 -31.96 -37.83 -4.56
C CYS B 15 -31.15 -36.57 -4.31
N GLY B 16 -29.91 -36.56 -4.79
CA GLY B 16 -29.02 -35.42 -4.61
C GLY B 16 -29.64 -34.11 -5.05
N GLU B 17 -30.24 -34.11 -6.24
CA GLU B 17 -30.89 -32.91 -6.76
C GLU B 17 -32.03 -32.47 -5.86
N CYS B 18 -32.79 -33.44 -5.38
CA CYS B 18 -33.92 -33.19 -4.51
C CYS B 18 -33.50 -32.47 -3.23
N ILE B 19 -32.42 -32.94 -2.61
CA ILE B 19 -31.90 -32.35 -1.39
C ILE B 19 -31.40 -30.93 -1.62
N GLN B 20 -30.69 -30.72 -2.73
CA GLN B 20 -30.13 -29.42 -3.08
C GLN B 20 -31.21 -28.44 -3.55
N ALA B 21 -32.44 -28.94 -3.69
CA ALA B 21 -33.55 -28.14 -4.20
C ALA B 21 -34.29 -27.40 -3.08
N GLY B 22 -33.87 -27.63 -1.85
CA GLY B 22 -34.46 -26.98 -0.69
C GLY B 22 -34.45 -27.88 0.52
N PRO B 23 -34.32 -27.29 1.72
CA PRO B 23 -34.16 -28.07 2.96
C PRO B 23 -35.45 -28.73 3.43
N ASN B 24 -36.56 -28.41 2.76
CA ASN B 24 -37.87 -28.99 3.09
C ASN B 24 -38.23 -30.14 2.14
N CYS B 25 -37.32 -30.47 1.23
CA CYS B 25 -37.56 -31.50 0.22
C CYS B 25 -37.11 -32.88 0.67
N GLY B 26 -37.99 -33.87 0.53
CA GLY B 26 -37.67 -35.26 0.78
C GLY B 26 -37.73 -36.01 -0.55
N TRP B 27 -37.18 -37.23 -0.59
CA TRP B 27 -37.12 -37.99 -1.84
C TRP B 27 -37.51 -39.45 -1.63
N CYS B 28 -38.60 -39.85 -2.29
CA CYS B 28 -39.13 -41.20 -2.15
C CYS B 28 -38.38 -42.16 -3.08
N THR B 29 -38.31 -43.42 -2.67
CA THR B 29 -37.58 -44.44 -3.41
C THR B 29 -38.49 -45.59 -3.84
N ASN B 30 -39.66 -45.70 -3.23
CA ASN B 30 -40.58 -46.79 -3.53
C ASN B 30 -41.01 -46.81 -4.99
N MET B 38 -48.37 -40.26 -12.70
CA MET B 38 -47.38 -39.86 -11.70
C MET B 38 -45.98 -39.92 -12.28
N PRO B 39 -45.40 -38.75 -12.58
CA PRO B 39 -44.03 -38.66 -13.11
C PRO B 39 -43.00 -39.13 -12.08
N THR B 40 -41.74 -39.24 -12.51
CA THR B 40 -40.67 -39.68 -11.62
C THR B 40 -40.21 -38.56 -10.69
N SER B 41 -40.22 -37.33 -11.21
CA SER B 41 -39.81 -36.16 -10.45
C SER B 41 -40.75 -35.88 -9.28
N ALA B 42 -41.91 -36.53 -9.30
CA ALA B 42 -42.90 -36.40 -8.22
C ALA B 42 -42.44 -37.12 -6.96
N ARG B 43 -41.32 -37.83 -7.05
CA ARG B 43 -40.71 -38.47 -5.89
C ARG B 43 -40.01 -37.42 -5.01
N CYS B 44 -39.75 -36.24 -5.58
CA CYS B 44 -39.21 -35.12 -4.82
C CYS B 44 -40.27 -34.07 -4.56
N ASP B 45 -40.93 -34.19 -3.42
CA ASP B 45 -41.98 -33.25 -3.01
C ASP B 45 -41.65 -32.74 -1.61
N ASP B 46 -42.53 -31.92 -1.06
CA ASP B 46 -42.40 -31.51 0.34
C ASP B 46 -42.54 -32.75 1.22
N LEU B 47 -41.87 -32.74 2.38
CA LEU B 47 -41.87 -33.90 3.26
C LEU B 47 -43.28 -34.29 3.69
N GLU B 48 -44.14 -33.28 3.87
CA GLU B 48 -45.54 -33.53 4.23
C GLU B 48 -46.32 -34.03 3.02
N ALA B 49 -45.94 -33.56 1.83
CA ALA B 49 -46.61 -33.94 0.59
C ALA B 49 -46.37 -35.41 0.26
N LEU B 50 -45.12 -35.85 0.38
CA LEU B 50 -44.78 -37.24 0.09
C LEU B 50 -45.51 -38.21 1.00
N LYS B 51 -45.78 -37.75 2.22
CA LYS B 51 -46.58 -38.53 3.15
C LYS B 51 -48.04 -38.49 2.73
N LYS B 52 -48.50 -37.31 2.31
CA LYS B 52 -49.84 -37.15 1.76
C LYS B 52 -49.98 -37.90 0.44
N CYS B 55 -46.16 -42.32 1.02
CA CYS B 55 -44.81 -42.86 1.00
C CYS B 55 -44.37 -43.26 2.41
N PRO B 56 -43.90 -44.50 2.59
CA PRO B 56 -43.47 -44.92 3.93
C PRO B 56 -42.39 -44.01 4.52
N PRO B 57 -42.58 -43.51 5.75
CA PRO B 57 -41.57 -42.64 6.40
C PRO B 57 -40.15 -43.19 6.40
N ASP B 58 -39.99 -44.51 6.24
CA ASP B 58 -38.67 -45.12 6.13
C ASP B 58 -38.14 -45.02 4.71
N ASP B 59 -39.05 -45.03 3.74
CA ASP B 59 -38.68 -44.91 2.33
C ASP B 59 -38.45 -43.46 1.91
N ILE B 60 -38.61 -42.54 2.85
CA ILE B 60 -38.32 -41.13 2.61
C ILE B 60 -36.86 -40.84 2.95
N GLU B 61 -36.12 -40.33 1.97
CA GLU B 61 -34.74 -39.90 2.16
C GLU B 61 -34.73 -38.41 2.50
N ASN B 62 -34.25 -38.07 3.69
CA ASN B 62 -34.26 -36.68 4.15
C ASN B 62 -33.12 -36.41 5.13
N PRO B 63 -31.89 -36.27 4.60
CA PRO B 63 -30.73 -35.94 5.43
C PRO B 63 -30.76 -34.49 5.91
N ARG B 64 -31.00 -34.28 7.20
CA ARG B 64 -31.01 -32.94 7.78
C ARG B 64 -29.68 -32.58 8.40
N GLY B 65 -29.43 -31.28 8.51
CA GLY B 65 -28.20 -30.78 9.12
C GLY B 65 -28.15 -31.05 10.61
N SER B 66 -27.05 -30.63 11.23
CA SER B 66 -26.85 -30.81 12.67
C SER B 66 -25.61 -30.09 13.16
N LYS B 67 -25.55 -29.79 14.46
CA LYS B 67 -24.32 -29.32 15.09
C LYS B 67 -23.86 -30.35 16.11
N ASP B 68 -22.59 -30.75 16.01
CA ASP B 68 -22.02 -31.75 16.89
C ASP B 68 -20.75 -31.18 17.50
N ILE B 69 -20.78 -31.00 18.82
CA ILE B 69 -19.65 -30.41 19.52
C ILE B 69 -18.58 -31.47 19.75
N LYS B 70 -17.33 -31.10 19.46
CA LYS B 70 -16.19 -31.99 19.68
C LYS B 70 -15.40 -31.57 20.93
N LYS B 71 -14.98 -30.32 20.98
CA LYS B 71 -14.26 -29.78 22.12
C LYS B 71 -15.12 -28.71 22.77
N ASN B 72 -15.31 -28.84 24.08
CA ASN B 72 -16.19 -27.95 24.80
C ASN B 72 -15.73 -27.76 26.25
N LYS B 73 -14.44 -27.48 26.43
CA LYS B 73 -13.92 -27.20 27.76
C LYS B 73 -14.66 -26.01 28.36
N ASN B 74 -15.01 -26.15 29.63
CA ASN B 74 -15.79 -25.15 30.33
C ASN B 74 -14.99 -23.90 30.59
N VAL B 75 -15.66 -22.76 30.41
CA VAL B 75 -15.11 -21.48 30.84
C VAL B 75 -14.68 -21.64 32.29
N THR B 76 -13.52 -21.10 32.60
CA THR B 76 -12.88 -21.36 33.88
C THR B 76 -13.41 -20.43 34.98
N ASN B 77 -13.40 -20.92 36.22
CA ASN B 77 -13.77 -20.10 37.37
C ASN B 77 -13.26 -20.71 38.68
N LEU B 86 -2.19 -22.49 37.33
CA LEU B 86 -3.10 -21.80 36.41
C LEU B 86 -2.37 -21.16 35.23
N LYS B 87 -1.79 -21.99 34.38
CA LYS B 87 -1.06 -21.53 33.19
C LYS B 87 -2.02 -20.94 32.16
N PRO B 88 -1.53 -20.02 31.31
CA PRO B 88 -2.40 -19.42 30.29
C PRO B 88 -2.95 -20.45 29.33
N GLU B 89 -2.22 -21.54 29.15
CA GLU B 89 -2.67 -22.61 28.28
C GLU B 89 -3.95 -23.22 28.80
N ASP B 90 -4.08 -23.30 30.11
CA ASP B 90 -5.16 -24.04 30.76
C ASP B 90 -6.35 -23.16 31.19
N ILE B 91 -6.40 -21.92 30.72
CA ILE B 91 -7.52 -21.03 31.05
C ILE B 91 -8.40 -20.85 29.84
N THR B 92 -9.71 -20.97 30.06
CA THR B 92 -10.71 -20.92 29.00
C THR B 92 -11.64 -19.73 29.16
N GLN B 93 -11.70 -18.91 28.11
CA GLN B 93 -12.57 -17.74 28.07
C GLN B 93 -13.64 -17.90 27.00
N ILE B 94 -13.33 -18.66 25.95
CA ILE B 94 -14.29 -18.95 24.88
C ILE B 94 -14.72 -20.41 24.94
N GLN B 95 -16.00 -20.64 24.69
CA GLN B 95 -16.57 -21.96 24.70
C GLN B 95 -17.76 -22.00 23.73
N PRO B 96 -17.89 -23.08 22.94
CA PRO B 96 -17.01 -24.26 22.82
C PRO B 96 -15.76 -23.93 22.02
N GLN B 97 -14.83 -24.88 21.91
CA GLN B 97 -13.60 -24.64 21.18
C GLN B 97 -13.57 -25.35 19.84
N GLN B 98 -14.48 -26.29 19.63
CA GLN B 98 -14.58 -26.98 18.34
C GLN B 98 -15.95 -27.62 18.17
N LEU B 99 -16.45 -27.64 16.93
CA LEU B 99 -17.67 -28.35 16.60
C LEU B 99 -17.81 -28.59 15.11
N VAL B 100 -18.67 -29.53 14.75
CA VAL B 100 -18.96 -29.83 13.35
C VAL B 100 -20.37 -29.36 13.01
N LEU B 101 -20.49 -28.65 11.90
CA LEU B 101 -21.79 -28.26 11.37
C LEU B 101 -22.05 -29.02 10.08
N ARG B 102 -23.09 -29.85 10.09
CA ARG B 102 -23.53 -30.56 8.90
C ARG B 102 -24.63 -29.72 8.24
N LEU B 103 -24.43 -29.34 6.99
CA LEU B 103 -25.26 -28.33 6.35
C LEU B 103 -26.08 -28.83 5.18
N ARG B 104 -27.39 -28.95 5.40
CA ARG B 104 -28.33 -29.03 4.30
C ARG B 104 -28.32 -27.70 3.59
N SER B 105 -28.26 -27.72 2.26
CA SER B 105 -28.21 -26.51 1.47
C SER B 105 -29.41 -25.63 1.76
N GLY B 106 -29.15 -24.37 2.11
CA GLY B 106 -30.21 -23.41 2.35
C GLY B 106 -30.69 -23.38 3.78
N GLU B 107 -30.48 -24.47 4.51
CA GLU B 107 -30.82 -24.54 5.93
C GLU B 107 -29.65 -24.01 6.78
N PRO B 108 -29.88 -22.91 7.55
CA PRO B 108 -28.83 -22.43 8.45
C PRO B 108 -28.62 -23.33 9.68
N GLN B 109 -27.38 -23.45 10.12
CA GLN B 109 -27.07 -24.08 11.41
C GLN B 109 -26.59 -23.00 12.37
N THR B 110 -27.21 -22.94 13.55
CA THR B 110 -26.88 -21.94 14.56
C THR B 110 -26.28 -22.58 15.82
N PHE B 111 -25.16 -22.04 16.28
CA PHE B 111 -24.57 -22.47 17.55
C PHE B 111 -24.22 -21.27 18.40
N THR B 112 -24.09 -21.49 19.70
CA THR B 112 -23.84 -20.41 20.64
C THR B 112 -22.38 -20.38 21.11
N LEU B 113 -21.80 -19.18 21.08
CA LEU B 113 -20.46 -18.94 21.60
C LEU B 113 -20.58 -18.24 22.93
N LYS B 114 -19.89 -18.76 23.94
CA LYS B 114 -19.88 -18.15 25.26
C LYS B 114 -18.52 -17.53 25.50
N PHE B 115 -18.52 -16.26 25.87
CA PHE B 115 -17.28 -15.56 26.22
C PHE B 115 -17.34 -15.05 27.66
N LYS B 116 -16.35 -15.44 28.47
CA LYS B 116 -16.22 -14.92 29.83
C LYS B 116 -14.86 -14.30 29.98
N ARG B 117 -14.83 -13.04 30.40
CA ARG B 117 -13.56 -12.35 30.58
C ARG B 117 -12.83 -12.91 31.79
N ALA B 118 -11.65 -13.46 31.57
CA ALA B 118 -10.85 -14.07 32.63
C ALA B 118 -10.56 -13.09 33.74
N GLU B 119 -10.41 -13.62 34.95
CA GLU B 119 -10.23 -12.78 36.14
C GLU B 119 -8.81 -12.19 36.29
N ASP B 120 -7.78 -13.04 36.27
CA ASP B 120 -6.41 -12.59 36.53
C ASP B 120 -5.50 -13.01 35.41
N TYR B 121 -5.71 -12.41 34.25
CA TYR B 121 -5.07 -12.86 33.02
C TYR B 121 -3.71 -12.18 32.85
N PRO B 122 -2.68 -12.94 32.42
CA PRO B 122 -1.38 -12.28 32.27
C PRO B 122 -1.33 -11.25 31.15
N ILE B 123 -0.37 -10.34 31.28
CA ILE B 123 -0.15 -9.28 30.30
C ILE B 123 1.33 -9.16 29.95
N ASP B 124 1.59 -9.19 28.65
CA ASP B 124 2.87 -8.80 28.05
C ASP B 124 2.70 -7.42 27.43
N LEU B 125 3.53 -6.47 27.85
CA LEU B 125 3.49 -5.12 27.26
C LEU B 125 4.84 -4.74 26.65
N TYR B 126 4.87 -4.53 25.34
CA TYR B 126 6.09 -4.11 24.66
C TYR B 126 5.97 -2.62 24.39
N TYR B 127 6.93 -1.87 24.93
CA TYR B 127 6.96 -0.44 24.81
C TYR B 127 7.85 -0.06 23.63
N LEU B 128 7.21 0.35 22.53
CA LEU B 128 7.91 0.70 21.31
C LEU B 128 7.93 2.20 21.16
N MET B 129 9.12 2.78 21.16
CA MET B 129 9.26 4.21 21.36
C MET B 129 10.07 4.91 20.27
N ASP B 130 9.55 6.06 19.86
CA ASP B 130 10.22 6.99 18.95
C ASP B 130 11.43 7.60 19.67
N LEU B 131 12.63 7.46 19.10
CA LEU B 131 13.84 8.05 19.70
C LEU B 131 14.49 9.10 18.80
N SER B 132 13.65 9.83 18.06
CA SER B 132 14.14 11.00 17.34
C SER B 132 14.25 12.13 18.39
N TYR B 133 14.84 13.26 18.02
CA TYR B 133 15.39 14.15 19.06
C TYR B 133 14.33 14.77 19.97
N SER B 134 13.13 14.99 19.43
CA SER B 134 12.06 15.59 20.20
C SER B 134 11.60 14.70 21.36
N MET B 135 12.02 13.44 21.33
CA MET B 135 11.69 12.48 22.39
C MET B 135 12.80 12.32 23.43
N LYS B 136 13.81 13.19 23.39
CA LYS B 136 14.91 13.13 24.36
C LYS B 136 14.40 13.27 25.80
N ASP B 137 13.54 14.25 26.04
CA ASP B 137 12.95 14.48 27.37
C ASP B 137 12.05 13.33 27.79
N ASP B 138 11.33 12.75 26.84
CA ASP B 138 10.49 11.59 27.14
C ASP B 138 11.33 10.44 27.65
N LEU B 139 12.48 10.25 27.02
CA LEU B 139 13.34 9.14 27.31
C LEU B 139 13.79 9.21 28.76
N GLU B 140 13.96 10.42 29.24
CA GLU B 140 14.41 10.64 30.62
C GLU B 140 13.31 10.35 31.66
N ASN B 141 12.05 10.30 31.23
CA ASN B 141 10.96 9.89 32.12
C ASN B 141 10.60 8.42 31.98
N VAL B 142 10.88 7.86 30.80
CA VAL B 142 10.51 6.48 30.53
C VAL B 142 11.53 5.53 31.14
N LYS B 143 12.72 6.02 31.46
CA LYS B 143 13.76 5.17 32.04
C LYS B 143 13.45 4.69 33.46
N SER B 144 12.34 5.15 34.04
CA SER B 144 11.87 4.65 35.34
C SER B 144 10.50 4.00 35.21
N LEU B 145 10.03 3.86 33.97
CA LEU B 145 8.71 3.31 33.70
C LEU B 145 8.63 1.85 34.11
N GLY B 146 9.77 1.18 34.00
CA GLY B 146 9.85 -0.25 34.30
C GLY B 146 9.23 -0.57 35.63
N THR B 147 9.84 -0.08 36.71
CA THR B 147 9.35 -0.34 38.05
C THR B 147 8.01 0.36 38.36
N ASP B 148 7.84 1.59 37.86
CA ASP B 148 6.57 2.32 38.08
C ASP B 148 5.37 1.61 37.44
N LEU B 149 5.54 1.14 36.21
CA LEU B 149 4.45 0.45 35.53
C LEU B 149 4.21 -0.90 36.21
N MET B 150 5.29 -1.59 36.57
CA MET B 150 5.20 -2.85 37.29
C MET B 150 4.35 -2.68 38.55
N ASN B 151 4.63 -1.59 39.27
CA ASN B 151 3.86 -1.30 40.48
C ASN B 151 2.37 -1.10 40.18
N GLU B 152 2.08 -0.25 39.21
CA GLU B 152 0.71 0.07 38.85
C GLU B 152 -0.01 -1.16 38.31
N MET B 153 0.71 -2.04 37.63
CA MET B 153 0.05 -3.20 37.01
C MET B 153 -0.45 -4.22 38.03
N ARG B 154 -0.02 -4.11 39.29
CA ARG B 154 -0.54 -5.02 40.31
C ARG B 154 -2.05 -4.86 40.56
N ARG B 155 -2.64 -3.74 40.17
CA ARG B 155 -4.09 -3.61 40.39
C ARG B 155 -4.85 -4.20 39.19
N ILE B 156 -4.10 -4.70 38.20
CA ILE B 156 -4.67 -5.28 36.97
C ILE B 156 -4.35 -6.77 36.81
N THR B 157 -3.12 -7.18 37.12
CA THR B 157 -2.72 -8.57 36.92
C THR B 157 -1.63 -8.98 37.89
N SER B 158 -1.59 -10.28 38.21
CA SER B 158 -0.53 -10.86 39.00
C SER B 158 0.68 -11.28 38.17
N ASP B 159 0.59 -11.12 36.85
CA ASP B 159 1.57 -11.70 35.95
C ASP B 159 1.85 -10.76 34.77
N PHE B 160 2.76 -9.81 34.99
CA PHE B 160 3.07 -8.76 34.03
C PHE B 160 4.51 -8.87 33.55
N ARG B 161 4.71 -8.71 32.25
CA ARG B 161 6.03 -8.61 31.65
C ARG B 161 6.09 -7.39 30.75
N ILE B 162 7.27 -6.80 30.67
CA ILE B 162 7.47 -5.58 29.92
C ILE B 162 8.70 -5.72 29.04
N GLY B 163 8.72 -5.01 27.94
CA GLY B 163 9.86 -5.00 27.05
C GLY B 163 9.95 -3.64 26.43
N PHE B 164 11.06 -3.40 25.75
CA PHE B 164 11.34 -2.09 25.16
C PHE B 164 12.04 -2.22 23.81
N GLY B 165 11.55 -1.44 22.85
CA GLY B 165 12.17 -1.29 21.55
C GLY B 165 12.15 0.17 21.16
N SER B 166 13.06 0.58 20.27
CA SER B 166 13.12 1.96 19.81
C SER B 166 13.14 2.03 18.28
N PHE B 167 12.68 3.14 17.72
CA PHE B 167 12.77 3.31 16.28
C PHE B 167 13.02 4.76 15.92
N VAL B 168 13.61 4.97 14.74
CA VAL B 168 13.72 6.30 14.19
C VAL B 168 13.18 6.28 12.76
N GLU B 169 13.98 5.75 11.84
CA GLU B 169 13.71 5.93 10.40
C GLU B 169 14.48 4.96 9.52
N LYS B 170 14.00 4.73 8.31
CA LYS B 170 14.82 4.08 7.30
C LYS B 170 16.12 4.86 7.17
N THR B 171 17.22 4.13 7.05
CA THR B 171 18.54 4.75 7.06
C THR B 171 19.05 4.97 5.64
N VAL B 172 18.23 5.62 4.82
CA VAL B 172 18.61 5.94 3.46
C VAL B 172 18.08 7.31 3.09
N MET B 173 18.69 7.89 2.07
CA MET B 173 18.19 9.10 1.45
C MET B 173 16.82 8.79 0.88
N PRO B 174 15.88 9.74 0.97
CA PRO B 174 15.95 11.11 1.48
C PRO B 174 15.50 11.30 2.93
N TYR B 175 15.23 10.23 3.65
CA TYR B 175 14.61 10.32 4.98
C TYR B 175 15.63 10.75 6.04
N ILE B 176 16.90 10.48 5.78
CA ILE B 176 17.98 10.98 6.62
C ILE B 176 18.95 11.76 5.77
N SER B 177 19.65 12.70 6.39
CA SER B 177 20.79 13.32 5.74
C SER B 177 21.89 12.27 5.67
N THR B 178 22.64 12.26 4.57
CA THR B 178 23.62 11.22 4.31
C THR B 178 25.05 11.76 4.14
N THR B 179 25.30 12.98 4.59
CA THR B 179 26.67 13.43 4.70
C THR B 179 27.35 12.55 5.75
N PRO B 180 28.65 12.26 5.56
CA PRO B 180 29.34 11.42 6.55
C PRO B 180 29.11 11.90 7.98
N ALA B 181 29.09 13.22 8.17
CA ALA B 181 28.95 13.81 9.50
C ALA B 181 27.55 13.61 10.08
N LYS B 182 26.52 13.76 9.25
CA LYS B 182 25.16 13.60 9.73
C LYS B 182 24.84 12.13 9.90
N LEU B 183 25.61 11.28 9.25
CA LEU B 183 25.46 9.84 9.45
C LEU B 183 25.98 9.47 10.83
N ARG B 184 27.06 10.11 11.25
CA ARG B 184 27.59 9.91 12.59
C ARG B 184 26.66 10.53 13.61
N ASN B 185 26.28 11.79 13.36
CA ASN B 185 25.45 12.54 14.27
C ASN B 185 24.35 13.28 13.50
N PRO B 186 23.13 12.71 13.46
CA PRO B 186 22.08 13.33 12.64
C PRO B 186 21.59 14.67 13.16
N CYS B 187 22.01 15.03 14.38
CA CYS B 187 21.56 16.26 15.00
C CYS B 187 22.63 17.34 14.86
N THR B 188 22.53 18.41 15.65
CA THR B 188 23.55 19.44 15.64
C THR B 188 24.81 18.94 16.33
N SER B 189 25.91 19.68 16.21
CA SER B 189 27.18 19.24 16.77
C SER B 189 27.13 19.24 18.31
N GLU B 190 26.43 20.21 18.88
CA GLU B 190 26.29 20.30 20.34
C GLU B 190 25.49 19.11 20.87
N GLN B 191 24.32 18.88 20.28
CA GLN B 191 23.54 17.69 20.58
C GLN B 191 24.36 16.47 20.15
N ASN B 192 24.41 15.44 20.99
CA ASN B 192 25.32 14.32 20.76
C ASN B 192 24.53 13.09 20.37
N CYS B 193 23.70 13.23 19.33
CA CYS B 193 22.81 12.16 18.90
C CYS B 193 23.57 11.00 18.30
N THR B 194 23.08 9.79 18.58
CA THR B 194 23.62 8.59 17.97
C THR B 194 23.09 8.48 16.55
N THR B 195 23.74 7.65 15.74
CA THR B 195 23.39 7.51 14.33
C THR B 195 21.92 7.14 14.15
N PRO B 196 21.29 7.59 13.05
CA PRO B 196 19.92 7.13 12.82
C PRO B 196 19.86 5.61 12.63
N PHE B 197 18.74 5.01 13.02
CA PHE B 197 18.54 3.56 12.91
C PHE B 197 17.04 3.30 12.73
N SER B 198 16.70 2.14 12.17
CA SER B 198 15.32 1.78 11.92
C SER B 198 14.62 1.23 13.17
N TYR B 199 15.10 0.10 13.68
CA TYR B 199 14.48 -0.51 14.84
C TYR B 199 15.44 -1.36 15.66
N LYS B 200 15.44 -1.15 16.98
CA LYS B 200 16.30 -1.90 17.88
C LYS B 200 15.41 -2.54 18.93
N ASN B 201 15.45 -3.86 19.01
CA ASN B 201 14.83 -4.53 20.12
C ASN B 201 15.79 -4.41 21.31
N VAL B 202 15.52 -3.45 22.18
CA VAL B 202 16.42 -3.18 23.31
C VAL B 202 16.27 -4.24 24.38
N LEU B 203 15.03 -4.64 24.65
CA LEU B 203 14.77 -5.56 25.73
C LEU B 203 13.56 -6.42 25.42
N SER B 204 13.79 -7.72 25.26
CA SER B 204 12.68 -8.66 25.09
C SER B 204 11.90 -8.69 26.38
N LEU B 205 10.64 -9.14 26.31
CA LEU B 205 9.76 -9.12 27.47
C LEU B 205 10.36 -9.80 28.69
N THR B 206 10.20 -9.18 29.85
CA THR B 206 10.73 -9.70 31.10
C THR B 206 9.87 -9.20 32.25
N ASN B 207 9.86 -9.95 33.35
CA ASN B 207 9.13 -9.52 34.53
C ASN B 207 9.99 -8.64 35.42
N LYS B 208 11.22 -8.38 34.97
CA LYS B 208 12.18 -7.63 35.77
C LYS B 208 12.16 -6.16 35.38
N GLY B 209 11.31 -5.39 36.06
CA GLY B 209 11.20 -3.96 35.82
C GLY B 209 12.50 -3.21 35.98
N GLU B 210 13.35 -3.66 36.89
CA GLU B 210 14.63 -3.00 37.11
C GLU B 210 15.53 -3.10 35.87
N VAL B 211 15.44 -4.20 35.13
CA VAL B 211 16.24 -4.37 33.91
C VAL B 211 15.74 -3.43 32.82
N PHE B 212 14.43 -3.23 32.77
CA PHE B 212 13.86 -2.23 31.88
C PHE B 212 14.47 -0.86 32.20
N ASN B 213 14.44 -0.47 33.46
CA ASN B 213 15.00 0.82 33.84
C ASN B 213 16.47 0.94 33.41
N GLU B 214 17.28 -0.06 33.75
CA GLU B 214 18.72 -0.01 33.46
C GLU B 214 19.02 0.12 31.97
N LEU B 215 18.41 -0.71 31.14
CA LEU B 215 18.68 -0.66 29.70
C LEU B 215 18.16 0.62 29.03
N VAL B 216 16.93 1.01 29.35
CA VAL B 216 16.37 2.25 28.80
C VAL B 216 17.22 3.46 29.17
N GLY B 217 17.77 3.46 30.38
CA GLY B 217 18.67 4.52 30.78
C GLY B 217 20.00 4.51 30.06
N LYS B 218 20.29 3.45 29.33
CA LYS B 218 21.55 3.37 28.58
C LYS B 218 21.34 3.76 27.11
N GLN B 219 20.10 3.99 26.70
CA GLN B 219 19.85 4.26 25.29
C GLN B 219 20.14 5.73 24.94
N ARG B 220 20.67 5.93 23.74
CA ARG B 220 21.01 7.26 23.27
C ARG B 220 19.96 7.73 22.28
N ILE B 221 19.59 9.00 22.40
CA ILE B 221 18.60 9.60 21.53
C ILE B 221 19.24 9.79 20.15
N SER B 222 18.42 9.78 19.11
CA SER B 222 18.90 9.91 17.74
C SER B 222 18.15 11.04 17.03
N GLY B 223 18.19 11.01 15.70
CA GLY B 223 17.59 12.04 14.91
C GLY B 223 17.45 11.62 13.46
N ASN B 224 16.67 12.38 12.70
CA ASN B 224 16.56 12.16 11.28
C ASN B 224 15.99 13.40 10.63
N LEU B 225 15.67 13.31 9.35
CA LEU B 225 15.36 14.51 8.59
C LEU B 225 13.86 14.78 8.44
N ASP B 226 13.09 13.88 7.83
CA ASP B 226 11.68 14.20 7.59
C ASP B 226 10.82 13.87 8.81
N SER B 227 9.73 14.61 8.96
CA SER B 227 8.94 14.61 10.19
C SER B 227 8.26 13.28 10.48
N PRO B 228 7.52 12.73 9.51
CA PRO B 228 6.95 11.41 9.78
C PRO B 228 8.05 10.37 10.00
N GLU B 229 7.80 9.38 10.86
CA GLU B 229 8.84 8.45 11.27
C GLU B 229 8.63 7.02 10.78
N GLY B 230 9.63 6.17 11.00
CA GLY B 230 9.65 4.83 10.45
C GLY B 230 9.01 3.75 11.29
N GLY B 231 8.18 4.14 12.25
CA GLY B 231 7.64 3.20 13.22
C GLY B 231 6.87 2.01 12.70
N PHE B 232 6.19 2.16 11.55
CA PHE B 232 5.53 1.01 10.96
C PHE B 232 6.50 -0.13 10.64
N ASP B 233 7.73 0.19 10.25
CA ASP B 233 8.72 -0.87 10.03
C ASP B 233 8.92 -1.67 11.30
N ALA B 234 8.94 -0.95 12.41
CA ALA B 234 9.19 -1.53 13.71
C ALA B 234 7.98 -2.29 14.25
N ILE B 235 6.80 -1.69 14.13
CA ILE B 235 5.57 -2.37 14.55
C ILE B 235 5.52 -3.74 13.90
N MET B 236 5.79 -3.79 12.59
CA MET B 236 5.75 -5.06 11.87
C MET B 236 6.68 -6.10 12.49
N GLN B 237 7.90 -5.68 12.79
CA GLN B 237 8.88 -6.61 13.37
C GLN B 237 8.46 -7.13 14.72
N VAL B 238 7.88 -6.26 15.54
CA VAL B 238 7.45 -6.64 16.87
C VAL B 238 6.33 -7.65 16.77
N ALA B 239 5.49 -7.47 15.75
CA ALA B 239 4.36 -8.36 15.55
C ALA B 239 4.80 -9.74 15.09
N VAL B 240 5.74 -9.80 14.16
CA VAL B 240 6.05 -11.09 13.53
C VAL B 240 7.30 -11.79 14.06
N CYS B 241 8.06 -11.17 14.95
CA CYS B 241 9.35 -11.77 15.32
C CYS B 241 9.26 -12.74 16.52
N GLY B 242 8.08 -12.85 17.11
CA GLY B 242 7.76 -14.00 17.95
C GLY B 242 8.65 -14.23 19.15
N SER B 243 9.43 -15.30 19.09
CA SER B 243 10.29 -15.68 20.22
C SER B 243 11.43 -14.68 20.47
N LEU B 244 11.78 -13.88 19.46
CA LEU B 244 12.80 -12.86 19.63
C LEU B 244 12.29 -11.77 20.57
N ILE B 245 10.99 -11.49 20.50
CA ILE B 245 10.36 -10.51 21.36
C ILE B 245 9.95 -11.15 22.67
N GLY B 246 9.50 -12.40 22.59
CA GLY B 246 9.14 -13.19 23.75
C GLY B 246 7.64 -13.24 24.08
N TRP B 247 6.80 -12.91 23.11
CA TRP B 247 5.34 -12.92 23.32
C TRP B 247 4.85 -14.26 23.87
N ARG B 248 4.07 -14.21 24.94
CA ARG B 248 3.33 -15.39 25.41
C ARG B 248 1.92 -15.40 24.82
N ASN B 249 1.19 -16.48 25.07
CA ASN B 249 -0.21 -16.58 24.67
C ASN B 249 -1.10 -15.96 25.75
N VAL B 250 -0.97 -14.65 25.89
CA VAL B 250 -1.66 -13.90 26.93
C VAL B 250 -2.10 -12.59 26.30
N THR B 251 -2.52 -11.62 27.10
CA THR B 251 -2.85 -10.31 26.56
C THR B 251 -1.56 -9.67 26.06
N ARG B 252 -1.52 -9.35 24.77
CA ARG B 252 -0.36 -8.75 24.13
C ARG B 252 -0.62 -7.29 23.84
N LEU B 253 0.00 -6.42 24.64
CA LEU B 253 -0.13 -4.99 24.45
C LEU B 253 1.12 -4.42 23.80
N LEU B 254 0.91 -3.67 22.73
CA LEU B 254 1.98 -2.92 22.08
C LEU B 254 1.72 -1.42 22.24
N VAL B 255 2.58 -0.77 23.01
CA VAL B 255 2.48 0.68 23.18
C VAL B 255 3.40 1.33 22.17
N PHE B 256 2.78 2.05 21.23
CA PHE B 256 3.48 2.78 20.19
C PHE B 256 3.52 4.24 20.58
N SER B 257 4.70 4.74 20.92
CA SER B 257 4.81 6.08 21.45
C SER B 257 5.61 7.00 20.55
N THR B 258 5.00 8.12 20.19
CA THR B 258 5.62 9.04 19.23
C THR B 258 4.96 10.41 19.29
N ASP B 259 5.67 11.42 18.79
CA ASP B 259 5.15 12.78 18.70
C ASP B 259 5.13 13.25 17.24
N ALA B 260 5.06 12.30 16.31
CA ALA B 260 5.08 12.60 14.89
C ALA B 260 4.17 11.63 14.13
N GLY B 261 3.83 12.01 12.90
CA GLY B 261 3.10 11.12 12.00
C GLY B 261 3.95 9.93 11.57
N PHE B 262 3.44 9.18 10.60
CA PHE B 262 4.03 7.90 10.24
C PHE B 262 4.16 7.73 8.71
N HIS B 263 5.30 7.19 8.29
CA HIS B 263 5.50 6.74 6.93
C HIS B 263 4.68 5.47 6.71
N PHE B 264 4.26 5.22 5.47
CA PHE B 264 3.65 3.95 5.12
C PHE B 264 3.99 3.59 3.67
N ALA B 265 3.60 2.40 3.28
CA ALA B 265 3.88 1.87 1.93
C ALA B 265 3.61 2.93 0.88
N GLY B 266 4.53 3.03 -0.07
CA GLY B 266 4.47 4.04 -1.11
C GLY B 266 5.50 5.11 -0.86
N ASP B 267 5.82 5.37 0.41
CA ASP B 267 6.79 6.40 0.74
C ASP B 267 8.20 5.94 0.39
N GLY B 268 8.41 4.63 0.42
CA GLY B 268 9.68 4.03 0.06
C GLY B 268 10.15 4.42 -1.32
N LYS B 269 9.21 4.72 -2.23
CA LYS B 269 9.56 4.95 -3.62
C LYS B 269 10.44 6.17 -3.73
N LEU B 270 10.28 7.12 -2.82
CA LEU B 270 11.17 8.28 -2.81
C LEU B 270 12.63 7.84 -2.70
N GLY B 271 12.90 6.85 -1.87
CA GLY B 271 14.26 6.39 -1.64
C GLY B 271 14.59 5.17 -2.50
N GLY B 272 13.81 4.94 -3.55
CA GLY B 272 14.06 3.84 -4.46
C GLY B 272 13.74 2.47 -3.87
N ILE B 273 12.90 2.45 -2.84
CA ILE B 273 12.51 1.20 -2.21
C ILE B 273 11.10 0.87 -2.67
N VAL B 274 10.95 -0.21 -3.44
CA VAL B 274 9.70 -0.50 -4.11
C VAL B 274 9.16 -1.88 -3.77
N LEU B 275 10.03 -2.74 -3.25
CA LEU B 275 9.60 -4.05 -2.81
C LEU B 275 8.66 -3.92 -1.61
N PRO B 276 7.46 -4.53 -1.69
CA PRO B 276 6.61 -4.41 -0.51
C PRO B 276 7.17 -5.12 0.72
N ASN B 277 6.80 -4.63 1.90
CA ASN B 277 7.18 -5.30 3.14
C ASN B 277 6.74 -6.74 3.04
N ASP B 278 7.59 -7.68 3.42
CA ASP B 278 7.24 -9.08 3.26
C ASP B 278 6.57 -9.67 4.51
N GLY B 279 6.47 -8.89 5.57
CA GLY B 279 5.82 -9.35 6.79
C GLY B 279 6.55 -10.45 7.54
N GLN B 280 7.86 -10.55 7.32
CA GLN B 280 8.67 -11.57 7.97
C GLN B 280 9.73 -10.91 8.86
N CYS B 281 10.23 -11.68 9.82
CA CYS B 281 11.20 -11.16 10.77
C CYS B 281 12.57 -10.98 10.09
N HIS B 282 13.16 -9.80 10.21
CA HIS B 282 14.55 -9.59 9.77
C HIS B 282 15.36 -8.92 10.87
N LEU B 283 15.34 -9.53 12.05
CA LEU B 283 16.12 -9.04 13.18
C LEU B 283 17.42 -9.81 13.31
N GLU B 284 18.54 -9.12 13.19
CA GLU B 284 19.86 -9.72 13.44
C GLU B 284 20.56 -8.91 14.51
N ASN B 285 21.01 -9.60 15.56
CA ASN B 285 21.56 -8.92 16.73
C ASN B 285 20.56 -7.87 17.24
N ASN B 286 19.28 -8.24 17.24
CA ASN B 286 18.20 -7.37 17.71
C ASN B 286 18.08 -6.03 16.97
N MET B 287 18.54 -6.00 15.72
CA MET B 287 18.41 -4.83 14.88
C MET B 287 17.66 -5.20 13.60
N TYR B 288 16.72 -4.35 13.18
CA TYR B 288 16.09 -4.53 11.89
C TYR B 288 17.11 -4.18 10.82
N THR B 289 17.46 -5.17 10.02
CA THR B 289 18.50 -5.02 9.01
C THR B 289 18.01 -4.70 7.60
N MET B 290 16.70 -4.76 7.35
CA MET B 290 16.21 -4.67 5.98
C MET B 290 15.37 -3.43 5.66
N SER B 291 15.60 -2.33 6.38
CA SER B 291 14.76 -1.14 6.16
C SER B 291 15.09 -0.46 4.84
N HIS B 292 16.27 -0.76 4.31
CA HIS B 292 16.73 -0.22 3.04
C HIS B 292 16.22 -1.03 1.85
N TYR B 293 15.53 -2.14 2.12
CA TYR B 293 15.22 -3.12 1.08
C TYR B 293 13.73 -3.34 0.89
N TYR B 294 13.00 -3.40 2.00
CA TYR B 294 11.55 -3.53 2.01
C TYR B 294 10.87 -2.20 2.33
N ASP B 295 9.79 -1.89 1.62
CA ASP B 295 9.05 -0.65 1.82
C ASP B 295 8.46 -0.67 3.23
N TYR B 296 8.12 0.50 3.74
CA TYR B 296 7.24 0.55 4.90
C TYR B 296 5.97 -0.27 4.65
N PRO B 297 5.42 -0.88 5.70
CA PRO B 297 4.14 -1.58 5.55
C PRO B 297 2.97 -0.65 5.21
N SER B 298 1.98 -1.19 4.52
CA SER B 298 0.71 -0.49 4.37
C SER B 298 -0.09 -0.65 5.67
N ILE B 299 -1.08 0.20 5.87
CA ILE B 299 -1.99 0.00 7.00
C ILE B 299 -2.61 -1.38 6.93
N ALA B 300 -3.04 -1.75 5.74
CA ALA B 300 -3.72 -3.02 5.56
C ALA B 300 -2.79 -4.15 5.98
N HIS B 301 -1.51 -4.02 5.66
CA HIS B 301 -0.58 -5.11 5.98
C HIS B 301 -0.45 -5.24 7.49
N LEU B 302 -0.41 -4.11 8.17
CA LEU B 302 -0.35 -4.10 9.63
C LEU B 302 -1.60 -4.69 10.25
N VAL B 303 -2.77 -4.33 9.71
CA VAL B 303 -4.03 -4.91 10.18
C VAL B 303 -3.90 -6.41 10.17
N GLN B 304 -3.38 -6.94 9.06
CA GLN B 304 -3.23 -8.38 8.91
C GLN B 304 -2.32 -8.99 9.97
N LYS B 305 -1.13 -8.43 10.13
CA LYS B 305 -0.13 -9.07 10.98
C LYS B 305 -0.37 -8.79 12.46
N LEU B 306 -0.95 -7.64 12.79
CA LEU B 306 -1.30 -7.36 14.17
C LEU B 306 -2.38 -8.31 14.62
N SER B 307 -3.38 -8.52 13.76
CA SER B 307 -4.49 -9.39 14.11
C SER B 307 -4.06 -10.83 14.19
N GLU B 308 -3.31 -11.26 13.19
CA GLU B 308 -2.78 -12.62 13.17
C GLU B 308 -1.99 -12.93 14.47
N ASN B 309 -1.20 -11.96 14.91
CA ASN B 309 -0.35 -12.16 16.07
C ASN B 309 -0.97 -11.63 17.37
N ASN B 310 -2.27 -11.35 17.34
CA ASN B 310 -3.02 -11.06 18.56
C ASN B 310 -2.47 -9.88 19.33
N ILE B 311 -1.97 -8.90 18.59
CA ILE B 311 -1.42 -7.69 19.18
C ILE B 311 -2.51 -6.63 19.34
N GLN B 312 -2.64 -6.12 20.56
CA GLN B 312 -3.52 -4.98 20.83
C GLN B 312 -2.63 -3.75 20.95
N THR B 313 -2.95 -2.73 20.17
CA THR B 313 -2.04 -1.59 20.01
C THR B 313 -2.59 -0.34 20.67
N ILE B 314 -1.69 0.33 21.39
CA ILE B 314 -2.01 1.53 22.12
C ILE B 314 -1.16 2.62 21.52
N PHE B 315 -1.81 3.52 20.80
CA PHE B 315 -1.13 4.66 20.23
C PHE B 315 -1.07 5.78 21.26
N ALA B 316 0.12 5.92 21.84
CA ALA B 316 0.39 6.96 22.83
C ALA B 316 1.10 8.11 22.13
N VAL B 317 0.34 9.13 21.75
CA VAL B 317 0.86 10.18 20.90
C VAL B 317 0.43 11.53 21.38
N THR B 318 1.17 12.55 20.95
CA THR B 318 0.94 13.90 21.43
C THR B 318 -0.34 14.49 20.85
N GLU B 319 -0.82 15.56 21.46
CA GLU B 319 -2.11 16.15 21.10
C GLU B 319 -2.13 16.59 19.63
N GLU B 320 -1.00 17.08 19.16
CA GLU B 320 -0.86 17.55 17.78
C GLU B 320 -1.23 16.46 16.78
N PHE B 321 -0.98 15.20 17.13
CA PHE B 321 -1.17 14.11 16.18
C PHE B 321 -2.34 13.18 16.51
N GLN B 322 -3.17 13.56 17.48
CA GLN B 322 -4.38 12.82 17.79
C GLN B 322 -5.26 12.61 16.55
N PRO B 323 -5.45 13.66 15.75
CA PRO B 323 -6.35 13.49 14.59
C PRO B 323 -5.90 12.37 13.67
N VAL B 324 -4.61 12.35 13.31
CA VAL B 324 -4.04 11.29 12.48
C VAL B 324 -4.25 9.91 13.10
N TYR B 325 -3.86 9.76 14.36
CA TYR B 325 -3.86 8.45 14.98
C TYR B 325 -5.26 7.97 15.35
N LYS B 326 -6.18 8.91 15.57
CA LYS B 326 -7.57 8.53 15.79
C LYS B 326 -8.14 7.87 14.52
N GLU B 327 -7.79 8.41 13.35
CA GLU B 327 -8.17 7.79 12.09
C GLU B 327 -7.50 6.43 11.92
N LEU B 328 -6.21 6.35 12.26
CA LEU B 328 -5.50 5.10 12.15
C LEU B 328 -6.16 4.05 13.02
N LYS B 329 -6.48 4.45 14.24
CA LYS B 329 -7.13 3.57 15.21
C LYS B 329 -8.41 2.96 14.67
N ASN B 330 -9.17 3.75 13.93
CA ASN B 330 -10.43 3.28 13.35
C ASN B 330 -10.21 2.18 12.32
N LEU B 331 -9.02 2.10 11.75
CA LEU B 331 -8.70 1.07 10.75
C LEU B 331 -8.02 -0.17 11.36
N ILE B 332 -7.33 0.02 12.47
CA ILE B 332 -6.59 -1.07 13.10
C ILE B 332 -7.46 -1.68 14.20
N PRO B 333 -7.90 -2.95 14.00
CA PRO B 333 -8.73 -3.59 15.02
C PRO B 333 -7.99 -3.75 16.34
N LYS B 334 -8.71 -3.63 17.45
CA LYS B 334 -8.16 -3.75 18.79
C LYS B 334 -7.01 -2.79 18.99
N SER B 335 -7.28 -1.52 18.70
CA SER B 335 -6.32 -0.45 18.98
C SER B 335 -6.99 0.66 19.78
N ALA B 336 -6.17 1.46 20.45
CA ALA B 336 -6.66 2.60 21.21
C ALA B 336 -5.68 3.74 21.08
N VAL B 337 -6.20 4.94 21.22
CA VAL B 337 -5.37 6.14 21.16
CA VAL B 337 -5.37 6.14 21.16
C VAL B 337 -5.53 6.92 22.46
N GLY B 338 -4.41 7.41 22.96
CA GLY B 338 -4.39 8.22 24.17
C GLY B 338 -3.45 9.38 23.93
N THR B 339 -3.64 10.46 24.69
CA THR B 339 -2.87 11.67 24.49
C THR B 339 -1.66 11.69 25.43
N LEU B 340 -0.49 11.48 24.85
CA LEU B 340 0.79 11.50 25.55
C LEU B 340 1.22 12.94 25.83
N SER B 341 1.73 13.18 27.03
CA SER B 341 2.30 14.48 27.35
C SER B 341 3.59 14.69 26.57
N ALA B 342 4.04 15.93 26.52
CA ALA B 342 5.22 16.30 25.75
C ALA B 342 6.50 15.58 26.19
N ASN B 343 6.52 15.03 27.42
CA ASN B 343 7.67 14.23 27.90
C ASN B 343 7.25 12.89 28.49
N SER B 344 6.06 12.43 28.11
CA SER B 344 5.57 11.10 28.49
C SER B 344 5.30 10.95 30.00
N SER B 345 5.23 12.07 30.71
CA SER B 345 4.95 12.03 32.15
C SER B 345 3.69 11.26 32.50
N ASN B 346 2.72 11.23 31.57
CA ASN B 346 1.40 10.68 31.87
C ASN B 346 1.16 9.29 31.28
N VAL B 347 2.20 8.63 30.79
CA VAL B 347 1.99 7.43 29.98
C VAL B 347 1.43 6.25 30.76
N ILE B 348 1.73 6.15 32.05
CA ILE B 348 1.17 5.03 32.83
C ILE B 348 -0.36 5.09 32.79
N GLN B 349 -0.94 6.23 33.18
CA GLN B 349 -2.39 6.35 33.20
C GLN B 349 -2.96 6.16 31.80
N LEU B 350 -2.25 6.69 30.82
CA LEU B 350 -2.62 6.52 29.42
C LEU B 350 -2.76 5.03 29.07
N ILE B 351 -1.80 4.24 29.52
CA ILE B 351 -1.79 2.80 29.26
C ILE B 351 -2.95 2.15 29.98
N ILE B 352 -3.13 2.47 31.26
CA ILE B 352 -4.22 1.90 32.05
C ILE B 352 -5.56 2.21 31.40
N ASP B 353 -5.77 3.46 31.05
CA ASP B 353 -7.03 3.87 30.42
C ASP B 353 -7.24 3.19 29.06
N ALA B 354 -6.18 3.03 28.27
CA ALA B 354 -6.32 2.37 26.97
C ALA B 354 -6.59 0.90 27.17
N TYR B 355 -5.87 0.28 28.10
CA TYR B 355 -6.11 -1.12 28.42
C TYR B 355 -7.55 -1.37 28.87
N ASN B 356 -8.10 -0.46 29.67
CA ASN B 356 -9.46 -0.62 30.15
C ASN B 356 -10.44 -0.54 28.97
N SER B 357 -10.17 0.36 28.02
CA SER B 357 -10.99 0.49 26.83
C SER B 357 -10.98 -0.80 26.01
N LEU B 358 -9.78 -1.26 25.64
CA LEU B 358 -9.58 -2.49 24.87
C LEU B 358 -10.19 -3.74 25.50
N SER B 359 -10.05 -3.87 26.82
CA SER B 359 -10.48 -5.07 27.54
C SER B 359 -11.99 -5.16 27.76
N SER B 360 -12.67 -4.03 27.65
CA SER B 360 -14.10 -3.95 27.98
C SER B 360 -14.96 -4.26 26.76
N GLU B 361 -14.31 -4.63 25.67
CA GLU B 361 -15.01 -4.93 24.43
C GLU B 361 -14.40 -6.16 23.77
N VAL B 362 -15.24 -7.02 23.22
CA VAL B 362 -14.76 -8.15 22.46
C VAL B 362 -15.30 -8.06 21.03
N ILE B 363 -14.45 -8.37 20.07
CA ILE B 363 -14.79 -8.34 18.65
C ILE B 363 -14.47 -9.68 18.02
N LEU B 364 -15.47 -10.31 17.41
CA LEU B 364 -15.27 -11.60 16.78
C LEU B 364 -14.95 -11.45 15.29
N GLU B 365 -13.96 -12.22 14.85
CA GLU B 365 -13.58 -12.28 13.46
C GLU B 365 -13.55 -13.75 13.06
N ASN B 366 -13.95 -14.05 11.82
CA ASN B 366 -13.87 -15.40 11.31
C ASN B 366 -12.86 -15.48 10.18
N GLY B 367 -12.34 -16.68 9.95
CA GLY B 367 -11.48 -16.91 8.81
C GLY B 367 -12.32 -16.91 7.55
N LYS B 368 -11.68 -17.13 6.41
CA LYS B 368 -12.37 -17.11 5.13
C LYS B 368 -13.33 -18.29 5.00
N LEU B 369 -14.53 -18.00 4.50
CA LEU B 369 -15.50 -19.02 4.16
C LEU B 369 -15.42 -19.36 2.68
N SER B 370 -15.96 -20.51 2.29
CA SER B 370 -16.02 -20.91 0.89
C SER B 370 -17.10 -20.15 0.14
N GLU B 371 -17.07 -20.22 -1.18
CA GLU B 371 -18.08 -19.62 -2.02
C GLU B 371 -19.42 -20.29 -1.72
N GLY B 372 -20.46 -19.48 -1.56
CA GLY B 372 -21.80 -20.01 -1.30
C GLY B 372 -22.08 -20.18 0.18
N VAL B 373 -21.01 -20.10 0.99
CA VAL B 373 -21.14 -20.14 2.43
C VAL B 373 -21.20 -18.73 3.01
N THR B 374 -22.17 -18.47 3.88
CA THR B 374 -22.31 -17.17 4.53
C THR B 374 -22.46 -17.32 6.04
N ILE B 375 -22.06 -16.30 6.77
CA ILE B 375 -22.10 -16.32 8.22
C ILE B 375 -22.84 -15.09 8.72
N SER B 376 -23.52 -15.27 9.86
CA SER B 376 -24.32 -14.24 10.49
C SER B 376 -24.02 -14.26 11.99
N TYR B 377 -23.94 -13.07 12.59
CA TYR B 377 -23.70 -12.93 14.03
C TYR B 377 -24.83 -12.15 14.71
N LYS B 378 -25.27 -12.67 15.86
CA LYS B 378 -26.09 -11.92 16.80
C LYS B 378 -25.40 -11.95 18.16
N SER B 379 -25.26 -10.79 18.79
CA SER B 379 -24.62 -10.72 20.11
C SER B 379 -25.63 -10.40 21.21
N TYR B 380 -25.38 -10.96 22.37
CA TYR B 380 -26.24 -10.77 23.54
C TYR B 380 -25.36 -10.35 24.70
N CYS B 381 -25.39 -9.06 25.02
CA CYS B 381 -24.45 -8.51 25.98
C CYS B 381 -25.18 -8.05 27.23
N LYS B 382 -24.39 -7.68 28.23
CA LYS B 382 -24.89 -7.25 29.52
C LYS B 382 -25.93 -6.14 29.39
N ASN B 383 -26.85 -6.05 30.35
CA ASN B 383 -27.90 -5.05 30.31
C ASN B 383 -28.77 -5.16 29.06
N GLY B 384 -28.80 -6.35 28.49
CA GLY B 384 -29.71 -6.64 27.39
C GLY B 384 -29.49 -5.83 26.12
N VAL B 385 -28.27 -5.32 25.91
CA VAL B 385 -27.94 -4.72 24.62
C VAL B 385 -27.57 -5.87 23.67
N ASN B 386 -28.34 -5.97 22.60
CA ASN B 386 -28.20 -7.05 21.64
C ASN B 386 -27.84 -6.51 20.26
N GLY B 387 -26.74 -7.03 19.69
CA GLY B 387 -26.27 -6.55 18.40
C GLY B 387 -26.64 -7.48 17.25
N THR B 388 -26.92 -6.88 16.09
CA THR B 388 -27.11 -7.65 14.86
C THR B 388 -26.34 -6.99 13.73
N GLY B 389 -26.23 -7.68 12.61
CA GLY B 389 -25.35 -7.24 11.55
C GLY B 389 -23.93 -7.31 12.10
N GLU B 390 -23.08 -6.37 11.70
CA GLU B 390 -21.70 -6.39 12.12
C GLU B 390 -21.58 -6.06 13.60
N ASN B 391 -22.63 -5.46 14.17
CA ASN B 391 -22.69 -5.24 15.61
C ASN B 391 -22.98 -6.55 16.33
N GLY B 392 -23.35 -7.58 15.57
CA GLY B 392 -23.53 -8.90 16.13
C GLY B 392 -22.21 -9.57 16.48
N ARG B 393 -21.10 -9.07 15.94
CA ARG B 393 -19.77 -9.59 16.27
C ARG B 393 -19.18 -8.92 17.51
N LYS B 394 -19.91 -7.95 18.05
CA LYS B 394 -19.38 -7.10 19.12
C LYS B 394 -20.20 -7.19 20.40
N CYS B 395 -19.50 -7.16 21.53
CA CYS B 395 -20.13 -6.90 22.82
C CYS B 395 -19.25 -5.87 23.53
N SER B 396 -19.89 -4.85 24.11
CA SER B 396 -19.18 -3.75 24.77
C SER B 396 -19.44 -3.76 26.26
N ASN B 397 -18.65 -2.97 26.99
CA ASN B 397 -18.84 -2.80 28.42
C ASN B 397 -18.74 -4.13 29.17
N ILE B 398 -17.73 -4.92 28.83
CA ILE B 398 -17.55 -6.23 29.47
C ILE B 398 -16.61 -6.12 30.67
N SER B 399 -17.17 -6.29 31.86
CA SER B 399 -16.38 -6.28 33.08
C SER B 399 -15.71 -7.62 33.31
N ILE B 400 -14.72 -7.64 34.18
CA ILE B 400 -14.03 -8.87 34.53
C ILE B 400 -15.05 -9.86 35.10
N GLY B 401 -15.01 -11.09 34.60
CA GLY B 401 -15.91 -12.13 35.06
C GLY B 401 -17.28 -12.06 34.41
N ASP B 402 -17.50 -11.08 33.55
CA ASP B 402 -18.76 -10.99 32.81
C ASP B 402 -18.83 -12.05 31.74
N GLU B 403 -20.02 -12.63 31.58
CA GLU B 403 -20.30 -13.57 30.52
C GLU B 403 -21.21 -12.92 29.48
N VAL B 404 -20.83 -13.02 28.22
CA VAL B 404 -21.70 -12.63 27.11
C VAL B 404 -21.75 -13.79 26.14
N GLN B 405 -22.72 -13.76 25.23
CA GLN B 405 -22.93 -14.86 24.31
C GLN B 405 -23.20 -14.38 22.90
N PHE B 406 -22.83 -15.21 21.94
CA PHE B 406 -23.09 -14.93 20.53
C PHE B 406 -23.82 -16.10 19.90
N GLU B 407 -24.88 -15.81 19.18
CA GLU B 407 -25.53 -16.79 18.30
C GLU B 407 -24.98 -16.60 16.90
N ILE B 408 -24.26 -17.61 16.42
CA ILE B 408 -23.63 -17.56 15.10
C ILE B 408 -24.34 -18.52 14.15
N SER B 409 -24.75 -18.01 12.99
CA SER B 409 -25.49 -18.80 12.00
C SER B 409 -24.73 -18.93 10.69
N ILE B 410 -24.59 -20.17 10.23
CA ILE B 410 -23.84 -20.47 9.03
C ILE B 410 -24.73 -21.21 8.02
N THR B 411 -24.66 -20.79 6.76
CA THR B 411 -25.53 -21.36 5.72
C THR B 411 -24.78 -21.60 4.42
N SER B 412 -24.93 -22.80 3.88
CA SER B 412 -24.33 -23.18 2.61
C SER B 412 -25.37 -23.15 1.50
N ASN B 413 -24.90 -23.03 0.26
CA ASN B 413 -25.78 -22.87 -0.89
C ASN B 413 -25.40 -23.78 -2.06
N LYS B 414 -26.35 -24.64 -2.44
CA LYS B 414 -26.22 -25.54 -3.60
C LYS B 414 -24.85 -26.24 -3.66
N CYS B 415 -24.32 -26.60 -2.51
CA CYS B 415 -23.16 -27.49 -2.41
C CYS B 415 -21.88 -26.94 -3.05
N PRO B 416 -21.04 -26.26 -2.25
CA PRO B 416 -19.67 -25.97 -2.66
C PRO B 416 -18.73 -27.13 -2.32
N LYS B 417 -17.58 -27.21 -2.99
CA LYS B 417 -16.58 -28.22 -2.68
C LYS B 417 -17.10 -29.65 -2.86
N LYS B 418 -16.23 -30.62 -2.61
CA LYS B 418 -16.60 -32.03 -2.63
C LYS B 418 -16.24 -32.67 -1.29
N ASP B 419 -15.40 -31.98 -0.52
CA ASP B 419 -15.00 -32.42 0.81
C ASP B 419 -15.43 -31.39 1.85
N SER B 420 -15.05 -31.63 3.10
CA SER B 420 -15.39 -30.72 4.19
C SER B 420 -14.43 -29.54 4.24
N ASP B 421 -14.86 -28.46 4.88
CA ASP B 421 -14.03 -27.28 5.10
C ASP B 421 -13.98 -26.98 6.60
N SER B 422 -13.06 -26.10 6.99
CA SER B 422 -13.02 -25.62 8.37
C SER B 422 -12.52 -24.18 8.42
N PHE B 423 -13.03 -23.42 9.37
CA PHE B 423 -12.58 -22.06 9.60
C PHE B 423 -12.62 -21.74 11.08
N LYS B 424 -11.88 -20.72 11.47
CA LYS B 424 -11.76 -20.36 12.87
C LYS B 424 -12.54 -19.09 13.12
N ILE B 425 -13.16 -19.03 14.30
CA ILE B 425 -13.77 -17.81 14.80
C ILE B 425 -13.01 -17.48 16.07
N ARG B 426 -12.59 -16.23 16.23
CA ARG B 426 -11.92 -15.88 17.47
C ARG B 426 -12.11 -14.43 17.83
N PRO B 427 -12.08 -14.14 19.14
CA PRO B 427 -12.05 -12.75 19.58
C PRO B 427 -10.66 -12.20 19.32
N LEU B 428 -10.61 -11.03 18.71
CA LEU B 428 -9.34 -10.42 18.36
C LEU B 428 -8.50 -10.19 19.62
N GLY B 429 -7.20 -10.46 19.53
CA GLY B 429 -6.30 -10.26 20.63
C GLY B 429 -6.21 -11.45 21.56
N PHE B 430 -6.93 -12.52 21.24
CA PHE B 430 -6.85 -13.73 22.04
C PHE B 430 -6.34 -14.88 21.21
N THR B 431 -5.56 -15.72 21.88
CA THR B 431 -5.03 -16.93 21.32
C THR B 431 -6.14 -17.95 21.17
N GLU B 432 -7.13 -17.85 22.05
CA GLU B 432 -8.25 -18.78 22.06
C GLU B 432 -9.11 -18.59 20.81
N GLU B 433 -9.65 -19.70 20.33
CA GLU B 433 -10.41 -19.68 19.09
C GLU B 433 -11.39 -20.84 19.06
N VAL B 434 -12.39 -20.69 18.20
CA VAL B 434 -13.38 -21.74 17.98
C VAL B 434 -13.18 -22.30 16.58
N GLU B 435 -12.89 -23.59 16.49
CA GLU B 435 -12.74 -24.23 15.19
C GLU B 435 -14.09 -24.71 14.71
N VAL B 436 -14.54 -24.20 13.57
CA VAL B 436 -15.82 -24.62 13.00
C VAL B 436 -15.55 -25.46 11.78
N ILE B 437 -15.91 -26.74 11.86
CA ILE B 437 -15.76 -27.68 10.76
C ILE B 437 -17.08 -27.82 10.05
N LEU B 438 -17.07 -27.60 8.73
CA LEU B 438 -18.28 -27.65 7.94
C LEU B 438 -18.27 -28.87 7.04
N GLN B 439 -19.37 -29.63 7.11
CA GLN B 439 -19.59 -30.76 6.23
C GLN B 439 -20.89 -30.51 5.48
N TYR B 440 -20.80 -30.56 4.15
CA TYR B 440 -21.94 -30.20 3.31
C TYR B 440 -22.69 -31.44 2.83
N ILE B 441 -23.99 -31.46 3.09
CA ILE B 441 -24.84 -32.57 2.69
C ILE B 441 -25.33 -32.36 1.26
N CYS B 442 -24.72 -33.07 0.32
CA CYS B 442 -25.03 -32.95 -1.10
C CYS B 442 -25.42 -34.30 -1.70
N GLU B 443 -25.48 -35.33 -0.87
CA GLU B 443 -25.88 -36.66 -1.29
C GLU B 443 -26.87 -37.25 -0.31
N CYS B 444 -27.07 -38.55 -0.40
CA CYS B 444 -27.97 -39.28 0.49
C CYS B 444 -27.33 -40.59 0.93
N GLU B 445 -28.10 -41.43 1.61
CA GLU B 445 -27.62 -42.74 2.02
C GLU B 445 -28.77 -43.63 2.50
#